data_3U4Y
#
_entry.id   3U4Y
#
_cell.length_a   139.636
_cell.length_b   66.661
_cell.length_c   80.524
_cell.angle_alpha   90.00
_cell.angle_beta   90.00
_cell.angle_gamma   90.00
#
_symmetry.space_group_name_H-M   'P 21 21 2'
#
loop_
_entity.id
_entity.type
_entity.pdbx_description
1 polymer 'uncharacterized protein'
2 non-polymer 2-AMINO-2-HYDROXYMETHYL-PROPANE-1,3-DIOL
3 water water
#
_entity_poly.entity_id   1
_entity_poly.type   'polypeptide(L)'
_entity_poly.pdbx_seq_one_letter_code
;SNA(MSE)FQTTSNFGIVVEQHLRRISFFSTDTLEILNQITLGYDFVDTAITSDCSNVVVTSDFCQTLVQIETQLEPPKV
VAIQEGQSS(MSE)ADVDITPDDQFAVTVTGLNHPFN(MSE)QSYSFLKNKFISTIPIPYDAVGIAISPNGNGLILIDRS
SANTVRRFKIDADGVLFDTGQEFISGGTRPFNITFTPDGNFAFVANLIGNSIGILETQNPENITLLNAVGTNNLPGTIVV
SRDGSTVYVLTESTVDVFNFNQLSGTLSFVKSFGHGLLIDPRPLFGANQ(MSE)ALNKTETKLFISANISRELKVFTISG
KVVGYVAGIEANGGIAICHPDKHNRLK
;
_entity_poly.pdbx_strand_id   A,B
#
loop_
_chem_comp.id
_chem_comp.type
_chem_comp.name
_chem_comp.formula
TRS non-polymer 2-AMINO-2-HYDROXYMETHYL-PROPANE-1,3-DIOL 'C4 H12 N O3 1'
#
# COMPACT_ATOMS: atom_id res chain seq x y z
N THR A 7 28.80 12.55 13.76
CA THR A 7 27.77 12.80 14.76
C THR A 7 26.75 13.84 14.32
N THR A 8 25.70 13.38 13.64
CA THR A 8 24.61 14.25 13.20
C THR A 8 23.31 13.96 13.94
N SER A 9 22.53 15.01 14.16
CA SER A 9 21.29 14.87 14.89
C SER A 9 20.12 15.22 13.99
N ASN A 10 20.35 15.16 12.69
CA ASN A 10 19.30 15.37 11.73
C ASN A 10 18.92 14.07 11.04
N PHE A 11 18.22 13.23 11.77
CA PHE A 11 17.94 11.88 11.32
C PHE A 11 16.78 11.28 12.10
N GLY A 12 16.24 10.19 11.57
CA GLY A 12 15.15 9.49 12.22
C GLY A 12 15.14 8.02 11.84
N ILE A 13 14.25 7.27 12.46
CA ILE A 13 14.21 5.83 12.26
C ILE A 13 12.77 5.39 11.97
N VAL A 14 12.59 4.46 11.05
CA VAL A 14 11.26 4.01 10.70
C VAL A 14 11.21 2.52 10.46
N VAL A 15 10.15 1.89 10.96
CA VAL A 15 10.00 0.45 10.87
C VAL A 15 9.34 0.03 9.56
N GLU A 16 9.85 -1.04 8.96
CA GLU A 16 9.23 -1.65 7.79
C GLU A 16 8.93 -3.09 8.13
N GLN A 17 7.71 -3.33 8.59
CA GLN A 17 7.38 -4.58 9.23
C GLN A 17 7.46 -5.77 8.27
N HIS A 18 7.05 -5.55 7.03
CA HIS A 18 6.97 -6.64 6.09
C HIS A 18 8.32 -7.04 5.53
N LEU A 19 9.30 -6.18 5.67
CA LEU A 19 10.65 -6.50 5.24
C LEU A 19 11.44 -6.96 6.44
N ARG A 20 10.77 -6.95 7.59
CA ARG A 20 11.42 -7.29 8.84
C ARG A 20 12.71 -6.48 8.96
N ARG A 21 12.57 -5.18 8.73
CA ARG A 21 13.69 -4.28 8.57
C ARG A 21 13.41 -2.94 9.28
N ILE A 22 14.43 -2.09 9.41
CA ILE A 22 14.28 -0.72 9.86
C ILE A 22 15.23 0.15 9.05
N SER A 23 14.89 1.42 8.89
CA SER A 23 15.71 2.37 8.15
C SER A 23 15.96 3.63 8.97
N PHE A 24 17.15 4.19 8.82
CA PHE A 24 17.45 5.49 9.34
C PHE A 24 17.42 6.37 8.12
N PHE A 25 16.89 7.57 8.26
CA PHE A 25 16.75 8.49 7.15
C PHE A 25 17.19 9.86 7.64
N SER A 26 17.62 10.73 6.73
CA SER A 26 17.93 12.08 7.14
C SER A 26 16.71 12.98 7.01
N THR A 27 16.48 13.73 8.09
CA THR A 27 15.56 14.86 8.15
C THR A 27 15.79 15.95 7.07
N ASP A 28 17.04 16.07 6.61
CA ASP A 28 17.47 17.16 5.71
C ASP A 28 17.30 16.85 4.23
N THR A 29 18.10 15.89 3.77
CA THR A 29 18.14 15.48 2.37
C THR A 29 16.93 14.65 2.00
N LEU A 30 16.44 13.88 2.98
CA LEU A 30 15.32 12.99 2.77
C LEU A 30 15.73 11.77 1.95
N GLU A 31 16.79 11.12 2.40
CA GLU A 31 17.26 9.89 1.78
C GLU A 31 17.63 8.91 2.87
N ILE A 32 17.75 7.64 2.52
CA ILE A 32 18.12 6.63 3.51
C ILE A 32 19.53 6.88 4.06
N LEU A 33 19.82 6.29 5.22
CA LEU A 33 21.11 6.42 5.87
C LEU A 33 21.75 5.05 6.06
N ASN A 34 21.00 4.15 6.68
CA ASN A 34 21.43 2.80 6.99
C ASN A 34 20.19 1.93 7.05
N GLN A 35 20.24 0.72 6.51
CA GLN A 35 19.11 -0.19 6.61
C GLN A 35 19.49 -1.51 7.25
N ILE A 36 19.02 -1.70 8.47
CA ILE A 36 19.31 -2.93 9.21
C ILE A 36 18.20 -3.95 9.05
N THR A 37 18.53 -5.14 8.55
CA THR A 37 17.54 -6.20 8.35
C THR A 37 17.85 -7.38 9.28
N LEU A 38 17.00 -7.61 10.29
CA LEU A 38 17.23 -8.67 11.27
C LEU A 38 16.26 -9.86 11.21
N GLY A 39 15.23 -9.77 10.37
CA GLY A 39 14.24 -10.83 10.28
C GLY A 39 13.37 -10.97 11.51
N TYR A 40 12.86 -9.85 12.02
CA TYR A 40 11.86 -9.89 13.09
C TYR A 40 10.55 -9.26 12.69
N ASP A 41 9.60 -9.41 13.60
CA ASP A 41 8.22 -9.00 13.44
C ASP A 41 8.03 -7.55 13.97
N PHE A 42 8.74 -6.60 13.35
CA PHE A 42 8.89 -5.25 13.91
C PHE A 42 7.61 -4.41 13.97
N VAL A 43 7.46 -3.64 15.05
CA VAL A 43 6.28 -2.81 15.26
C VAL A 43 6.63 -1.33 15.46
N ASP A 44 7.10 -0.96 16.64
CA ASP A 44 7.34 0.45 16.99
C ASP A 44 8.79 0.71 17.40
N THR A 45 9.15 2.00 17.55
CA THR A 45 10.48 2.43 18.01
C THR A 45 10.39 3.60 18.96
N ALA A 46 11.37 3.66 19.86
CA ALA A 46 11.61 4.85 20.65
C ALA A 46 13.03 5.27 20.39
N ILE A 47 13.37 6.50 20.78
CA ILE A 47 14.73 7.04 20.69
C ILE A 47 15.05 7.75 21.99
N THR A 48 16.32 7.97 22.25
CA THR A 48 16.74 8.44 23.57
C THR A 48 16.88 10.00 23.63
N SER A 49 16.70 10.61 24.80
CA SER A 49 16.85 12.08 24.91
C SER A 49 18.17 12.46 24.27
N ASP A 50 19.20 11.97 24.96
CA ASP A 50 20.56 11.78 24.49
C ASP A 50 20.65 11.65 22.96
N CYS A 51 19.74 10.84 22.39
CA CYS A 51 19.64 10.62 20.94
C CYS A 51 20.58 9.50 20.47
N SER A 52 21.20 8.85 21.44
CA SER A 52 22.30 7.91 21.21
C SER A 52 21.84 6.46 21.01
N ASN A 53 20.75 6.10 21.67
CA ASN A 53 20.24 4.74 21.59
C ASN A 53 18.80 4.65 21.14
N VAL A 54 18.54 3.62 20.35
CA VAL A 54 17.23 3.35 19.79
C VAL A 54 16.68 2.04 20.33
N VAL A 55 15.36 1.87 20.27
CA VAL A 55 14.73 0.62 20.65
C VAL A 55 13.67 0.22 19.64
N VAL A 56 13.70 -1.03 19.18
CA VAL A 56 12.64 -1.56 18.30
C VAL A 56 11.97 -2.78 18.93
N THR A 57 10.67 -2.90 18.71
CA THR A 57 9.90 -3.98 19.32
C THR A 57 9.45 -4.99 18.26
N SER A 58 9.03 -6.17 18.70
CA SER A 58 8.43 -7.12 17.78
C SER A 58 7.30 -7.86 18.46
N ASP A 59 6.33 -8.23 17.66
CA ASP A 59 5.07 -8.78 18.12
C ASP A 59 5.19 -10.28 18.36
N PHE A 60 5.06 -11.04 17.27
CA PHE A 60 4.97 -12.51 17.31
C PHE A 60 6.36 -13.11 17.58
N CYS A 61 7.39 -12.38 17.21
CA CYS A 61 8.76 -12.75 17.57
C CYS A 61 9.11 -12.37 19.02
N GLN A 62 8.22 -11.68 19.71
CA GLN A 62 8.44 -11.16 21.07
C GLN A 62 9.88 -10.79 21.44
N THR A 63 10.55 -10.07 20.55
CA THR A 63 11.92 -9.67 20.79
C THR A 63 12.17 -8.18 20.72
N LEU A 64 12.84 -7.64 21.73
CA LEU A 64 13.27 -6.24 21.70
C LEU A 64 14.74 -6.14 21.26
N VAL A 65 15.02 -5.25 20.30
CA VAL A 65 16.41 -4.99 19.92
C VAL A 65 16.84 -3.54 20.25
N GLN A 66 18.09 -3.38 20.67
CA GLN A 66 18.67 -2.09 21.05
C GLN A 66 19.84 -1.74 20.15
N ILE A 67 19.88 -0.51 19.65
CA ILE A 67 20.98 -0.14 18.77
C ILE A 67 21.64 1.21 19.12
N GLU A 68 22.96 1.31 18.93
CA GLU A 68 23.68 2.58 19.11
C GLU A 68 23.79 3.31 17.77
N THR A 69 23.58 4.62 17.76
CA THR A 69 23.36 5.32 16.50
C THR A 69 24.47 6.24 16.04
N GLN A 70 25.53 6.36 16.84
CA GLN A 70 26.58 7.35 16.61
C GLN A 70 27.84 6.77 16.00
N LEU A 71 27.71 6.01 14.92
CA LEU A 71 28.92 5.48 14.28
C LEU A 71 28.75 5.07 12.82
N GLU A 72 29.92 4.86 12.22
CA GLU A 72 30.11 4.61 10.78
C GLU A 72 28.92 3.93 10.10
N PRO A 73 28.66 2.65 10.42
CA PRO A 73 27.32 2.09 10.26
C PRO A 73 26.77 1.72 11.63
N PRO A 74 25.52 2.11 11.93
CA PRO A 74 24.80 1.82 13.18
C PRO A 74 25.07 0.42 13.70
N LYS A 75 25.35 0.33 15.00
CA LYS A 75 25.74 -0.90 15.66
C LYS A 75 24.66 -1.44 16.61
N VAL A 76 24.04 -2.56 16.27
CA VAL A 76 23.11 -3.19 17.19
C VAL A 76 23.91 -3.89 18.28
N VAL A 77 23.41 -3.85 19.51
CA VAL A 77 24.23 -4.22 20.67
C VAL A 77 23.56 -5.16 21.68
N ALA A 78 22.24 -5.27 21.60
CA ALA A 78 21.54 -6.26 22.40
C ALA A 78 20.35 -6.81 21.65
N ILE A 79 20.03 -8.09 21.89
CA ILE A 79 18.79 -8.72 21.42
C ILE A 79 18.23 -9.62 22.51
N GLN A 80 17.14 -9.19 23.14
CA GLN A 80 16.50 -9.95 24.20
C GLN A 80 15.07 -10.40 23.85
N GLU A 81 14.69 -11.59 24.32
CA GLU A 81 13.32 -12.07 24.13
C GLU A 81 12.52 -11.74 25.37
N GLY A 82 11.28 -11.33 25.17
CA GLY A 82 10.41 -11.06 26.30
C GLY A 82 9.49 -12.22 26.62
N GLN A 83 8.88 -12.13 27.79
CA GLN A 83 7.86 -13.07 28.22
C GLN A 83 6.73 -13.22 27.19
N SER A 84 6.29 -12.10 26.62
CA SER A 84 5.21 -12.12 25.63
C SER A 84 5.42 -11.05 24.56
N SER A 85 4.44 -10.89 23.68
CA SER A 85 4.57 -9.96 22.55
C SER A 85 4.73 -8.48 22.94
N MSE A 86 5.09 -7.65 21.96
CA MSE A 86 5.38 -6.24 22.20
C MSE A 86 4.90 -5.35 21.07
O MSE A 86 4.93 -5.75 19.91
CB MSE A 86 6.88 -6.06 22.31
CG MSE A 86 7.49 -6.56 23.58
SE MSE A 86 9.40 -6.79 23.33
CE MSE A 86 9.67 -8.17 24.69
N ALA A 87 4.50 -4.12 21.39
CA ALA A 87 4.16 -3.15 20.33
C ALA A 87 4.54 -1.70 20.64
N ASP A 88 3.64 -0.88 21.17
CA ASP A 88 4.03 0.51 21.47
C ASP A 88 5.17 0.47 22.50
N VAL A 89 6.09 1.43 22.40
CA VAL A 89 7.12 1.62 23.40
C VAL A 89 7.27 3.07 23.74
N ASP A 90 7.54 3.30 25.02
CA ASP A 90 8.04 4.59 25.45
C ASP A 90 9.24 4.36 26.33
N ILE A 91 10.09 5.38 26.43
CA ILE A 91 11.23 5.36 27.33
C ILE A 91 10.93 6.31 28.47
N THR A 92 11.43 5.99 29.67
CA THR A 92 11.29 6.88 30.79
C THR A 92 12.06 8.14 30.45
N PRO A 93 11.76 9.25 31.14
CA PRO A 93 12.31 10.53 30.69
C PRO A 93 13.83 10.58 30.94
N ASP A 94 14.32 9.80 31.90
CA ASP A 94 15.75 9.71 32.20
C ASP A 94 16.52 8.73 31.30
N ASP A 95 15.85 8.11 30.33
CA ASP A 95 16.53 7.27 29.38
C ASP A 95 17.02 5.95 29.98
N GLN A 96 16.67 5.67 31.23
CA GLN A 96 17.15 4.45 31.88
C GLN A 96 16.38 3.19 31.47
N PHE A 97 15.06 3.31 31.32
CA PHE A 97 14.18 2.17 30.97
C PHE A 97 13.31 2.38 29.75
N ALA A 98 12.97 1.26 29.11
CA ALA A 98 12.03 1.25 27.99
C ALA A 98 10.87 0.42 28.45
N VAL A 99 9.64 0.86 28.16
CA VAL A 99 8.46 0.12 28.58
C VAL A 99 7.58 -0.25 27.41
N THR A 100 7.11 -1.49 27.41
CA THR A 100 6.41 -2.06 26.27
C THR A 100 5.05 -2.59 26.63
N VAL A 101 4.14 -2.46 25.68
CA VAL A 101 2.80 -2.94 25.87
C VAL A 101 2.49 -4.03 24.84
N THR A 102 1.47 -4.82 25.13
CA THR A 102 1.16 -5.98 24.31
C THR A 102 0.83 -5.67 22.86
N GLY A 103 1.04 -6.68 22.01
CA GLY A 103 0.62 -6.65 20.62
C GLY A 103 -0.48 -7.69 20.39
N LEU A 104 -0.55 -8.25 19.19
CA LEU A 104 -1.64 -9.16 18.85
C LEU A 104 -1.68 -10.45 19.66
N ASN A 105 -0.56 -11.17 19.76
CA ASN A 105 -0.64 -12.48 20.42
C ASN A 105 -0.51 -12.39 21.91
N HIS A 106 -1.20 -13.28 22.60
CA HIS A 106 -1.24 -13.24 24.05
C HIS A 106 -0.08 -14.08 24.57
N PRO A 107 0.13 -14.08 25.90
CA PRO A 107 -0.59 -13.29 26.89
C PRO A 107 -0.34 -11.79 26.74
N PHE A 108 -1.04 -11.02 27.56
CA PHE A 108 -0.97 -9.56 27.45
C PHE A 108 -0.21 -9.02 28.65
N ASN A 109 0.99 -8.54 28.39
CA ASN A 109 1.80 -7.99 29.47
C ASN A 109 2.41 -6.66 29.16
N MSE A 110 2.69 -5.92 30.24
CA MSE A 110 3.52 -4.75 30.15
C MSE A 110 4.90 -5.13 30.66
O MSE A 110 5.03 -5.81 31.66
CB MSE A 110 2.94 -3.62 31.00
CG MSE A 110 3.91 -2.49 31.25
SE MSE A 110 3.11 -1.02 32.23
CE MSE A 110 1.81 -0.57 30.85
N GLN A 111 5.94 -4.70 29.96
CA GLN A 111 7.30 -5.13 30.26
C GLN A 111 8.25 -3.96 30.24
N SER A 112 9.11 -3.87 31.26
CA SER A 112 10.18 -2.86 31.32
C SER A 112 11.54 -3.47 31.09
N TYR A 113 12.46 -2.66 30.56
CA TYR A 113 13.74 -3.13 30.07
C TYR A 113 14.85 -2.15 30.46
N SER A 114 15.90 -2.63 31.14
CA SER A 114 17.02 -1.77 31.56
C SER A 114 18.08 -1.54 30.48
N PHE A 115 18.29 -0.30 30.10
CA PHE A 115 19.29 0.04 29.07
C PHE A 115 20.71 -0.18 29.58
N LEU A 116 20.86 -0.10 30.90
CA LEU A 116 22.17 -0.28 31.52
C LEU A 116 22.50 -1.75 31.54
N LYS A 117 21.56 -2.56 32.05
CA LYS A 117 21.73 -3.99 32.20
C LYS A 117 21.44 -4.73 30.90
N ASN A 118 20.83 -4.02 29.95
CA ASN A 118 20.50 -4.59 28.65
C ASN A 118 19.55 -5.79 28.74
N LYS A 119 18.78 -5.87 29.83
CA LYS A 119 17.80 -6.95 30.07
C LYS A 119 16.41 -6.44 30.47
N PHE A 120 15.44 -7.35 30.58
CA PHE A 120 14.13 -7.01 31.13
C PHE A 120 14.12 -7.16 32.63
N ILE A 121 13.24 -6.39 33.27
CA ILE A 121 13.30 -6.20 34.72
C ILE A 121 12.00 -6.60 35.34
N SER A 122 10.89 -6.20 34.73
CA SER A 122 9.59 -6.50 35.30
C SER A 122 8.57 -6.84 34.24
N THR A 123 7.62 -7.68 34.65
CA THR A 123 6.55 -8.07 33.78
C THR A 123 5.27 -8.13 34.59
N ILE A 124 4.22 -7.47 34.10
CA ILE A 124 2.91 -7.57 34.71
C ILE A 124 1.84 -7.69 33.62
N PRO A 125 0.75 -8.38 33.96
CA PRO A 125 -0.36 -8.61 33.04
C PRO A 125 -1.23 -7.36 32.88
N ILE A 126 -1.69 -7.18 31.65
CA ILE A 126 -2.55 -6.06 31.31
C ILE A 126 -3.82 -6.65 30.65
N PRO A 127 -4.91 -5.88 30.62
CA PRO A 127 -6.17 -6.41 30.11
C PRO A 127 -6.10 -6.68 28.62
N TYR A 128 -7.01 -7.53 28.17
CA TYR A 128 -7.17 -7.93 26.76
C TYR A 128 -7.25 -6.79 25.75
N ASP A 129 -7.89 -5.68 26.11
CA ASP A 129 -8.18 -4.61 25.15
C ASP A 129 -7.14 -3.50 25.14
N ALA A 130 -6.00 -3.79 25.76
CA ALA A 130 -4.92 -2.81 25.97
C ALA A 130 -4.14 -2.45 24.70
N VAL A 131 -4.17 -1.18 24.30
CA VAL A 131 -3.28 -0.66 23.26
C VAL A 131 -2.75 0.73 23.59
N GLY A 132 -1.56 1.03 23.11
CA GLY A 132 -0.92 2.31 23.36
C GLY A 132 -0.28 2.40 24.73
N ILE A 133 0.85 3.09 24.78
CA ILE A 133 1.51 3.40 26.05
C ILE A 133 2.08 4.82 26.01
N ALA A 134 2.14 5.41 27.19
CA ALA A 134 2.70 6.74 27.35
C ALA A 134 3.27 6.86 28.75
N ILE A 135 4.50 7.36 28.84
CA ILE A 135 5.12 7.64 30.13
C ILE A 135 5.26 9.13 30.36
N SER A 136 4.82 9.61 31.52
CA SER A 136 4.95 11.04 31.80
C SER A 136 6.40 11.53 31.89
N PRO A 137 6.70 12.64 31.21
CA PRO A 137 8.02 13.26 31.24
C PRO A 137 8.35 13.93 32.60
N ASN A 138 7.37 14.12 33.49
CA ASN A 138 7.67 14.64 34.83
C ASN A 138 8.90 14.03 35.44
N GLY A 139 8.96 12.71 35.46
CA GLY A 139 9.83 12.01 36.37
C GLY A 139 9.03 11.46 37.53
N ASN A 140 7.72 11.67 37.51
CA ASN A 140 6.87 11.12 38.56
C ASN A 140 6.56 9.68 38.26
N GLY A 141 6.89 9.26 37.04
CA GLY A 141 6.81 7.85 36.66
C GLY A 141 5.43 7.26 36.45
N LEU A 142 4.48 8.12 36.10
CA LEU A 142 3.14 7.69 35.78
C LEU A 142 3.05 7.14 34.37
N ILE A 143 2.30 6.05 34.24
CA ILE A 143 2.07 5.38 32.96
C ILE A 143 0.57 5.20 32.71
N LEU A 144 0.16 5.46 31.49
CA LEU A 144 -1.23 5.34 31.12
C LEU A 144 -1.29 4.57 29.84
N ILE A 145 -2.32 3.74 29.71
CA ILE A 145 -2.54 2.93 28.52
C ILE A 145 -4.01 3.03 28.17
N ASP A 146 -4.33 2.82 26.91
CA ASP A 146 -5.72 2.75 26.45
C ASP A 146 -6.34 1.36 26.64
N ARG A 147 -7.63 1.33 26.93
CA ARG A 147 -8.39 0.09 26.95
C ARG A 147 -9.57 0.18 25.96
N SER A 148 -9.38 -0.36 24.78
CA SER A 148 -10.18 0.00 23.62
C SER A 148 -11.64 -0.41 23.72
N SER A 149 -11.91 -1.49 24.45
CA SER A 149 -13.28 -1.97 24.56
C SER A 149 -14.00 -1.39 25.78
N ALA A 150 -13.25 -1.04 26.81
CA ALA A 150 -13.83 -0.38 27.99
C ALA A 150 -13.88 1.14 27.85
N ASN A 151 -13.51 1.66 26.69
CA ASN A 151 -13.50 3.10 26.43
C ASN A 151 -13.01 3.94 27.61
N THR A 152 -11.92 3.47 28.20
CA THR A 152 -11.41 3.99 29.44
C THR A 152 -9.90 3.99 29.29
N VAL A 153 -9.17 4.78 30.07
CA VAL A 153 -7.71 4.61 30.14
C VAL A 153 -7.30 4.20 31.55
N ARG A 154 -6.30 3.32 31.65
CA ARG A 154 -5.86 2.79 32.93
C ARG A 154 -4.49 3.29 33.31
N ARG A 155 -4.27 3.44 34.61
CA ARG A 155 -3.05 4.07 35.13
C ARG A 155 -2.07 3.11 35.77
N PHE A 156 -0.84 3.09 35.27
CA PHE A 156 0.20 2.24 35.84
C PHE A 156 1.36 3.03 36.44
N LYS A 157 2.28 2.28 37.05
CA LYS A 157 3.44 2.86 37.72
C LYS A 157 4.75 2.18 37.33
N ILE A 158 5.81 2.98 37.21
CA ILE A 158 7.16 2.44 37.15
C ILE A 158 8.03 3.18 38.11
N ASP A 159 8.76 2.46 38.96
CA ASP A 159 9.63 3.10 39.92
C ASP A 159 11.05 3.32 39.41
N ALA A 160 11.93 3.73 40.33
CA ALA A 160 13.34 4.02 40.07
C ALA A 160 14.10 2.79 39.56
N ASP A 161 13.63 1.61 39.98
CA ASP A 161 14.22 0.33 39.63
C ASP A 161 13.70 -0.26 38.32
N GLY A 162 12.54 0.20 37.85
CA GLY A 162 11.97 -0.37 36.64
C GLY A 162 10.82 -1.33 36.92
N VAL A 163 10.60 -1.63 38.19
CA VAL A 163 9.47 -2.43 38.62
C VAL A 163 8.15 -1.75 38.22
N LEU A 164 7.25 -2.51 37.61
CA LEU A 164 5.96 -1.99 37.20
C LEU A 164 4.88 -2.31 38.24
N PHE A 165 3.86 -1.46 38.29
CA PHE A 165 2.75 -1.61 39.22
C PHE A 165 1.42 -1.30 38.54
N ASP A 166 0.37 -1.97 38.99
CA ASP A 166 -0.96 -1.74 38.49
C ASP A 166 -1.78 -1.04 39.57
N THR A 167 -2.20 0.19 39.30
CA THR A 167 -3.07 0.91 40.23
C THR A 167 -4.53 0.51 40.07
N GLY A 168 -4.88 0.01 38.89
CA GLY A 168 -6.25 -0.37 38.58
C GLY A 168 -7.21 0.79 38.67
N GLN A 169 -6.70 1.99 38.40
CA GLN A 169 -7.56 3.15 38.30
C GLN A 169 -7.78 3.37 36.81
N GLU A 170 -9.04 3.45 36.41
CA GLU A 170 -9.41 3.74 35.02
C GLU A 170 -10.23 5.02 34.92
N PHE A 171 -10.21 5.65 33.75
CA PHE A 171 -10.79 6.97 33.55
C PHE A 171 -11.41 7.08 32.17
N ILE A 172 -12.58 7.71 32.07
CA ILE A 172 -13.25 7.83 30.77
C ILE A 172 -12.28 8.45 29.79
N SER A 173 -12.37 8.04 28.53
CA SER A 173 -11.46 8.55 27.50
C SER A 173 -12.06 9.71 26.72
N GLY A 174 -13.30 10.07 27.02
CA GLY A 174 -13.97 11.09 26.26
C GLY A 174 -14.91 10.48 25.25
N GLY A 175 -14.35 10.01 24.14
CA GLY A 175 -15.12 9.27 23.16
C GLY A 175 -14.89 7.77 23.23
N THR A 176 -15.20 7.08 22.15
CA THR A 176 -15.22 5.63 22.23
C THR A 176 -14.11 4.99 21.41
N ARG A 177 -13.58 3.88 21.91
CA ARG A 177 -12.46 3.18 21.29
C ARG A 177 -11.11 3.93 21.44
N PRO A 178 -10.72 4.21 22.70
CA PRO A 178 -9.47 4.94 22.91
C PRO A 178 -8.34 4.13 22.27
N PHE A 179 -7.43 4.79 21.57
CA PHE A 179 -6.43 4.08 20.76
C PHE A 179 -4.96 4.49 21.02
N ASN A 180 -4.65 5.78 21.03
CA ASN A 180 -3.30 6.24 21.34
C ASN A 180 -3.32 7.35 22.39
N ILE A 181 -2.27 7.46 23.18
CA ILE A 181 -2.17 8.51 24.22
C ILE A 181 -0.87 9.25 24.01
N THR A 182 -0.86 10.52 24.39
CA THR A 182 0.32 11.37 24.27
C THR A 182 0.26 12.42 25.38
N PHE A 183 1.35 12.63 26.08
CA PHE A 183 1.40 13.64 27.14
C PHE A 183 1.77 14.99 26.56
N THR A 184 1.58 16.03 27.36
CA THR A 184 2.18 17.30 27.04
C THR A 184 3.59 17.26 27.58
N PRO A 185 4.51 18.01 26.95
CA PRO A 185 5.92 17.96 27.32
C PRO A 185 6.16 18.14 28.82
N ASP A 186 5.19 18.71 29.53
CA ASP A 186 5.31 18.99 30.97
C ASP A 186 4.60 17.99 31.86
N GLY A 187 3.88 17.05 31.24
CA GLY A 187 3.24 15.95 31.94
C GLY A 187 1.97 16.29 32.71
N ASN A 188 1.38 17.43 32.39
CA ASN A 188 0.25 17.95 33.16
C ASN A 188 -1.09 17.67 32.49
N PHE A 189 -1.04 17.34 31.21
CA PHE A 189 -2.20 16.84 30.50
C PHE A 189 -1.81 15.66 29.65
N ALA A 190 -2.77 14.79 29.40
CA ALA A 190 -2.60 13.71 28.43
C ALA A 190 -3.71 13.82 27.43
N PHE A 191 -3.45 13.40 26.19
CA PHE A 191 -4.50 13.36 25.18
C PHE A 191 -4.79 11.95 24.67
N VAL A 192 -6.05 11.50 24.78
CA VAL A 192 -6.45 10.20 24.24
C VAL A 192 -7.18 10.31 22.91
N ALA A 193 -6.64 9.66 21.89
CA ALA A 193 -7.31 9.57 20.60
C ALA A 193 -8.39 8.51 20.69
N ASN A 194 -9.63 8.93 20.44
CA ASN A 194 -10.77 8.05 20.46
C ASN A 194 -11.12 7.75 19.03
N LEU A 195 -10.91 6.50 18.65
CA LEU A 195 -10.85 6.15 17.24
C LEU A 195 -12.22 6.12 16.56
N ILE A 196 -13.25 5.59 17.21
CA ILE A 196 -14.56 5.70 16.61
C ILE A 196 -15.30 6.93 17.11
N GLY A 197 -15.06 7.32 18.35
CA GLY A 197 -15.62 8.55 18.92
C GLY A 197 -15.21 9.74 18.07
N ASN A 198 -14.12 9.63 17.34
CA ASN A 198 -13.62 10.72 16.50
C ASN A 198 -13.44 11.99 17.32
N SER A 199 -12.64 11.87 18.36
CA SER A 199 -12.47 12.92 19.34
C SER A 199 -11.16 12.70 20.08
N ILE A 200 -10.55 13.79 20.51
CA ILE A 200 -9.45 13.70 21.43
C ILE A 200 -9.99 13.92 22.83
N GLY A 201 -9.58 13.08 23.77
CA GLY A 201 -9.88 13.33 25.16
C GLY A 201 -8.72 14.07 25.78
N ILE A 202 -9.00 14.83 26.83
CA ILE A 202 -7.99 15.62 27.51
C ILE A 202 -8.05 15.34 29.00
N LEU A 203 -6.95 14.88 29.57
CA LEU A 203 -6.96 14.48 30.97
C LEU A 203 -6.04 15.33 31.80
N GLU A 204 -6.47 15.61 33.04
CA GLU A 204 -5.69 16.36 34.01
C GLU A 204 -4.80 15.38 34.74
N THR A 205 -3.50 15.52 34.54
CA THR A 205 -2.54 14.54 35.01
C THR A 205 -1.49 15.18 35.91
N GLN A 206 -1.59 16.48 36.11
CA GLN A 206 -0.69 17.15 37.03
C GLN A 206 -0.70 16.46 38.39
N ASN A 207 -1.87 16.07 38.89
CA ASN A 207 -1.91 15.24 40.07
C ASN A 207 -2.33 13.85 39.69
N PRO A 208 -1.38 12.91 39.70
CA PRO A 208 -1.59 11.53 39.27
C PRO A 208 -2.40 10.71 40.26
N GLU A 209 -2.51 11.18 41.51
CA GLU A 209 -3.43 10.58 42.47
C GLU A 209 -4.88 11.00 42.25
N ASN A 210 -5.08 12.02 41.43
CA ASN A 210 -6.40 12.58 41.18
C ASN A 210 -6.58 12.97 39.72
N ILE A 211 -6.55 11.96 38.84
CA ILE A 211 -6.73 12.20 37.42
C ILE A 211 -8.20 12.39 37.06
N THR A 212 -8.47 13.28 36.12
CA THR A 212 -9.83 13.57 35.68
C THR A 212 -9.86 13.91 34.20
N LEU A 213 -10.93 13.52 33.52
CA LEU A 213 -11.17 13.96 32.15
C LEU A 213 -11.86 15.34 32.14
N LEU A 214 -11.37 16.28 31.35
CA LEU A 214 -11.97 17.61 31.36
C LEU A 214 -12.99 17.72 30.28
N ASN A 215 -12.58 17.37 29.07
CA ASN A 215 -13.49 17.38 27.96
C ASN A 215 -12.90 16.63 26.78
N ALA A 216 -13.37 16.98 25.60
CA ALA A 216 -13.11 16.18 24.43
C ALA A 216 -13.55 17.01 23.27
N VAL A 217 -12.65 17.17 22.31
CA VAL A 217 -13.00 17.87 21.09
C VAL A 217 -12.92 16.86 19.95
N GLY A 218 -13.74 17.06 18.92
CA GLY A 218 -13.87 16.12 17.84
C GLY A 218 -12.90 16.35 16.71
N THR A 219 -12.75 15.34 15.86
CA THR A 219 -11.80 15.38 14.77
C THR A 219 -12.39 14.75 13.52
N ASN A 220 -11.65 14.83 12.42
CA ASN A 220 -12.03 14.14 11.21
C ASN A 220 -12.02 12.64 11.42
N ASN A 221 -12.47 11.91 10.42
CA ASN A 221 -12.59 10.48 10.59
C ASN A 221 -11.31 9.76 11.00
N LEU A 222 -11.36 9.15 12.18
CA LEU A 222 -10.45 8.08 12.54
C LEU A 222 -9.07 8.56 12.96
N PRO A 223 -8.99 9.18 14.16
CA PRO A 223 -7.74 9.76 14.67
C PRO A 223 -6.73 8.72 15.19
N GLY A 224 -5.51 8.77 14.67
CA GLY A 224 -4.51 7.79 15.04
C GLY A 224 -3.49 8.23 16.08
N THR A 225 -2.68 9.21 15.73
CA THR A 225 -1.54 9.55 16.57
C THR A 225 -1.47 11.05 16.84
N ILE A 226 -1.06 11.38 18.06
CA ILE A 226 -1.03 12.75 18.54
C ILE A 226 0.40 13.22 18.69
N VAL A 227 0.80 14.22 17.92
CA VAL A 227 2.10 14.86 18.13
C VAL A 227 1.87 16.20 18.79
N VAL A 228 2.63 16.51 19.83
CA VAL A 228 2.54 17.85 20.40
C VAL A 228 3.87 18.60 20.52
N SER A 229 3.92 19.78 19.90
CA SER A 229 5.06 20.69 19.93
C SER A 229 5.64 20.96 21.33
N ARG A 230 6.93 21.28 21.41
CA ARG A 230 7.62 21.24 22.72
C ARG A 230 7.23 22.31 23.74
N ASP A 231 6.51 23.34 23.29
CA ASP A 231 5.94 24.36 24.19
C ASP A 231 4.51 24.02 24.63
N GLY A 232 3.89 23.07 23.94
CA GLY A 232 2.65 22.49 24.40
C GLY A 232 1.42 23.18 23.86
N SER A 233 1.64 24.14 22.96
CA SER A 233 0.54 24.98 22.49
C SER A 233 -0.02 24.57 21.16
N THR A 234 0.68 23.68 20.45
CA THR A 234 0.18 23.19 19.16
C THR A 234 0.11 21.66 19.11
N VAL A 235 -0.98 21.13 18.58
CA VAL A 235 -1.29 19.71 18.61
C VAL A 235 -1.73 19.19 17.26
N TYR A 236 -1.01 18.17 16.76
CA TYR A 236 -1.23 17.63 15.44
C TYR A 236 -1.75 16.23 15.55
N VAL A 237 -2.84 15.96 14.81
CA VAL A 237 -3.51 14.68 14.89
C VAL A 237 -3.59 13.99 13.53
N LEU A 238 -3.15 12.74 13.47
CA LEU A 238 -3.17 11.98 12.22
C LEU A 238 -4.49 11.23 11.99
N THR A 239 -5.07 11.47 10.83
CA THR A 239 -6.40 10.98 10.50
C THR A 239 -6.37 10.09 9.26
N GLU A 240 -7.45 9.38 9.02
CA GLU A 240 -7.60 8.62 7.80
C GLU A 240 -7.22 9.47 6.60
N SER A 241 -7.69 10.71 6.55
CA SER A 241 -7.54 11.56 5.36
C SER A 241 -6.76 12.84 5.60
N THR A 242 -6.72 13.26 6.85
CA THR A 242 -6.13 14.56 7.16
C THR A 242 -5.18 14.55 8.33
N VAL A 243 -4.33 15.59 8.36
CA VAL A 243 -3.78 16.06 9.61
C VAL A 243 -4.68 17.17 10.08
N ASP A 244 -4.97 17.17 11.37
CA ASP A 244 -5.70 18.24 12.02
C ASP A 244 -4.75 18.97 12.95
N VAL A 245 -4.75 20.28 12.91
CA VAL A 245 -4.01 20.98 13.93
C VAL A 245 -4.91 21.73 14.90
N PHE A 246 -4.62 21.59 16.19
CA PHE A 246 -5.31 22.36 17.21
C PHE A 246 -4.32 23.23 17.98
N ASN A 247 -4.83 24.26 18.62
CA ASN A 247 -4.05 25.00 19.59
C ASN A 247 -4.46 24.52 20.95
N PHE A 248 -3.54 24.50 21.90
CA PHE A 248 -3.88 24.11 23.25
C PHE A 248 -3.70 25.27 24.18
N ASN A 249 -4.60 25.37 25.13
CA ASN A 249 -4.52 26.40 26.13
C ASN A 249 -4.24 25.79 27.48
N GLN A 250 -3.03 26.04 27.98
CA GLN A 250 -2.53 25.28 29.10
C GLN A 250 -3.07 25.70 30.45
N LEU A 251 -3.87 26.76 30.50
CA LEU A 251 -4.47 27.16 31.77
C LEU A 251 -5.85 26.59 31.93
N SER A 252 -6.68 26.80 30.90
CA SER A 252 -8.07 26.35 30.95
C SER A 252 -8.22 24.89 30.53
N GLY A 253 -7.20 24.35 29.86
CA GLY A 253 -7.24 22.97 29.42
C GLY A 253 -8.11 22.78 28.20
N THR A 254 -8.07 23.72 27.26
CA THR A 254 -8.95 23.68 26.09
C THR A 254 -8.27 23.62 24.71
N LEU A 255 -8.64 22.60 23.93
CA LEU A 255 -8.12 22.40 22.57
C LEU A 255 -8.98 23.13 21.53
N SER A 256 -8.38 24.01 20.75
CA SER A 256 -9.16 24.81 19.79
C SER A 256 -8.76 24.46 18.36
N PHE A 257 -9.72 24.04 17.54
CA PHE A 257 -9.41 23.67 16.16
C PHE A 257 -8.83 24.84 15.39
N VAL A 258 -7.82 24.58 14.60
CA VAL A 258 -7.25 25.62 13.76
C VAL A 258 -7.51 25.31 12.31
N LYS A 259 -6.99 24.19 11.84
CA LYS A 259 -7.22 23.77 10.46
C LYS A 259 -6.79 22.34 10.22
N SER A 260 -7.09 21.85 9.03
CA SER A 260 -6.72 20.51 8.62
C SER A 260 -6.19 20.55 7.22
N PHE A 261 -5.45 19.53 6.85
CA PHE A 261 -5.01 19.38 5.47
C PHE A 261 -4.91 17.90 5.18
N GLY A 262 -5.16 17.52 3.95
CA GLY A 262 -5.20 16.11 3.61
C GLY A 262 -3.84 15.59 3.18
N HIS A 263 -3.45 14.46 3.74
CA HIS A 263 -2.16 13.90 3.36
C HIS A 263 -2.20 13.12 2.05
N GLY A 264 -3.39 12.74 1.60
CA GLY A 264 -3.52 11.98 0.38
C GLY A 264 -2.68 10.72 0.44
N LEU A 265 -2.77 10.01 1.57
CA LEU A 265 -2.08 8.75 1.77
C LEU A 265 -3.06 7.68 2.21
N LEU A 266 -2.71 6.43 1.93
CA LEU A 266 -3.48 5.31 2.44
C LEU A 266 -2.79 4.83 3.72
N ILE A 267 -3.53 4.85 4.82
CA ILE A 267 -2.98 4.44 6.11
C ILE A 267 -4.10 3.77 6.92
N ASP A 268 -3.72 2.92 7.89
CA ASP A 268 -4.69 2.23 8.76
C ASP A 268 -4.11 1.86 10.13
N PRO A 269 -4.20 2.76 11.12
CA PRO A 269 -3.56 2.55 12.43
C PRO A 269 -3.71 1.17 13.07
N ARG A 270 -4.88 0.56 12.90
CA ARG A 270 -5.30 -0.52 13.80
C ARG A 270 -4.25 -1.61 14.06
N PRO A 271 -3.68 -2.17 12.98
CA PRO A 271 -2.72 -3.28 13.03
C PRO A 271 -1.31 -2.93 13.53
N LEU A 272 -1.11 -1.73 14.07
CA LEU A 272 0.17 -1.32 14.64
C LEU A 272 0.04 -0.91 16.11
N PHE A 273 -1.03 -1.37 16.76
CA PHE A 273 -1.26 -1.29 18.21
C PHE A 273 -0.70 -0.10 19.04
N GLY A 274 -0.96 1.11 18.56
CA GLY A 274 -0.68 2.32 19.33
C GLY A 274 0.59 3.01 18.90
N ALA A 275 1.18 2.49 17.83
CA ALA A 275 2.49 2.94 17.42
C ALA A 275 2.42 4.23 16.65
N ASN A 276 3.20 5.21 17.08
CA ASN A 276 3.15 6.52 16.45
C ASN A 276 3.57 6.49 14.99
N GLN A 277 2.65 6.90 14.14
CA GLN A 277 2.90 6.92 12.71
C GLN A 277 3.14 8.34 12.22
N MSE A 278 3.63 9.23 13.10
CA MSE A 278 3.90 10.61 12.72
C MSE A 278 4.90 11.24 13.68
O MSE A 278 4.82 11.00 14.88
CB MSE A 278 2.61 11.43 12.71
CG MSE A 278 2.64 12.75 11.92
SE MSE A 278 0.96 13.81 12.06
CE MSE A 278 0.65 14.13 10.20
N ALA A 279 5.83 12.02 13.15
CA ALA A 279 6.80 12.70 14.00
C ALA A 279 7.13 14.07 13.45
N LEU A 280 7.52 14.97 14.35
CA LEU A 280 7.90 16.34 14.03
C LEU A 280 9.43 16.39 13.96
N ASN A 281 10.01 17.00 12.93
CA ASN A 281 11.46 17.27 12.94
C ASN A 281 11.83 18.09 14.19
N LYS A 282 13.12 18.20 14.47
CA LYS A 282 13.59 18.92 15.65
C LYS A 282 13.23 20.40 15.59
N THR A 283 12.97 20.90 14.39
CA THR A 283 12.59 22.30 14.22
C THR A 283 11.08 22.45 14.09
N GLU A 284 10.35 21.46 14.59
CA GLU A 284 8.90 21.48 14.54
C GLU A 284 8.40 22.32 13.36
N THR A 285 9.02 22.13 12.20
CA THR A 285 8.65 22.87 11.00
C THR A 285 7.99 21.96 9.97
N LYS A 286 8.27 20.67 10.09
CA LYS A 286 7.75 19.67 9.15
C LYS A 286 7.26 18.40 9.82
N LEU A 287 6.23 17.80 9.22
CA LEU A 287 5.71 16.53 9.70
C LEU A 287 6.17 15.38 8.82
N PHE A 288 6.60 14.30 9.47
CA PHE A 288 6.93 13.07 8.80
C PHE A 288 5.82 12.07 9.08
N ILE A 289 5.21 11.53 8.02
CA ILE A 289 4.13 10.56 8.15
C ILE A 289 4.52 9.18 7.59
N SER A 290 4.27 8.14 8.39
CA SER A 290 4.54 6.75 7.99
C SER A 290 3.24 6.02 7.58
N ALA A 291 2.94 6.08 6.28
CA ALA A 291 1.74 5.50 5.71
C ALA A 291 1.74 3.96 5.64
N ASN A 292 1.27 3.36 6.72
CA ASN A 292 0.85 1.97 6.79
C ASN A 292 0.61 1.22 5.47
N ILE A 293 -0.28 1.75 4.63
CA ILE A 293 -0.83 1.02 3.50
C ILE A 293 -0.36 1.54 2.13
N SER A 294 0.01 2.81 2.07
CA SER A 294 0.62 3.35 0.86
C SER A 294 2.09 2.96 0.88
N ARG A 295 2.57 2.61 2.07
CA ARG A 295 3.94 2.18 2.27
C ARG A 295 4.90 3.26 1.80
N GLU A 296 4.65 4.49 2.27
CA GLU A 296 5.42 5.66 1.87
C GLU A 296 5.79 6.45 3.11
N LEU A 297 6.95 7.09 3.08
CA LEU A 297 7.27 8.08 4.11
C LEU A 297 7.19 9.47 3.50
N LYS A 298 6.07 10.16 3.73
CA LYS A 298 5.88 11.46 3.11
C LYS A 298 6.22 12.58 4.11
N VAL A 299 6.72 13.70 3.62
CA VAL A 299 7.06 14.81 4.49
C VAL A 299 6.30 16.07 4.08
N PHE A 300 5.71 16.70 5.07
CA PHE A 300 4.93 17.90 4.84
C PHE A 300 5.49 18.98 5.72
N THR A 301 5.16 20.21 5.39
CA THR A 301 5.35 21.31 6.31
C THR A 301 4.10 21.39 7.16
N ILE A 302 4.21 21.93 8.35
CA ILE A 302 3.07 22.03 9.24
C ILE A 302 1.96 22.91 8.67
N SER A 303 2.23 23.59 7.55
CA SER A 303 1.18 24.37 6.89
C SER A 303 0.42 23.52 5.87
N GLY A 304 0.90 22.31 5.64
CA GLY A 304 0.26 21.40 4.71
C GLY A 304 1.06 21.22 3.44
N LYS A 305 2.00 22.13 3.18
CA LYS A 305 2.80 22.00 1.98
C LYS A 305 3.52 20.66 2.02
N VAL A 306 3.31 19.87 0.97
CA VAL A 306 4.07 18.64 0.77
C VAL A 306 5.50 18.98 0.37
N VAL A 307 6.46 18.28 0.92
CA VAL A 307 7.85 18.63 0.65
C VAL A 307 8.60 17.53 -0.07
N GLY A 308 8.08 16.30 -0.05
CA GLY A 308 8.64 15.19 -0.79
C GLY A 308 8.75 13.95 0.06
N TYR A 309 8.92 12.79 -0.57
CA TYR A 309 9.03 11.51 0.16
C TYR A 309 10.47 11.02 0.22
N VAL A 310 10.76 10.01 1.04
CA VAL A 310 12.10 9.42 1.08
C VAL A 310 12.19 8.25 0.11
N ALA A 311 13.32 8.15 -0.55
CA ALA A 311 13.55 7.14 -1.58
C ALA A 311 13.50 5.71 -1.05
N GLY A 312 12.70 4.89 -1.69
CA GLY A 312 12.72 3.46 -1.41
C GLY A 312 12.60 3.00 0.04
N ILE A 313 11.73 3.62 0.82
CA ILE A 313 11.34 3.08 2.13
C ILE A 313 9.88 2.69 2.04
N GLU A 314 9.58 1.43 2.35
CA GLU A 314 8.20 0.97 2.35
C GLU A 314 7.66 1.05 3.77
N ALA A 315 7.15 2.23 4.12
CA ALA A 315 6.81 2.49 5.51
C ALA A 315 5.83 1.45 5.99
N ASN A 316 5.97 1.04 7.23
CA ASN A 316 5.11 0.04 7.81
C ASN A 316 5.38 -0.12 9.29
N GLY A 317 4.86 0.78 10.11
CA GLY A 317 5.14 0.71 11.52
C GLY A 317 5.52 2.05 12.10
N GLY A 318 6.01 2.03 13.33
CA GLY A 318 6.33 3.23 14.07
C GLY A 318 7.38 4.09 13.39
N ILE A 319 7.57 5.29 13.95
CA ILE A 319 8.53 6.25 13.45
C ILE A 319 8.93 7.16 14.58
N ALA A 320 10.22 7.50 14.61
CA ALA A 320 10.79 8.38 15.63
C ALA A 320 11.81 9.32 15.02
N ILE A 321 11.87 10.54 15.53
CA ILE A 321 12.85 11.47 15.02
C ILE A 321 13.75 11.93 16.17
N CYS A 322 14.97 12.32 15.83
CA CYS A 322 15.94 12.73 16.83
C CYS A 322 15.55 14.06 17.46
N HIS A 323 15.49 14.10 18.79
CA HIS A 323 15.14 15.34 19.50
C HIS A 323 16.00 15.47 20.73
N PRO A 324 17.10 16.21 20.62
CA PRO A 324 17.87 16.41 21.86
C PRO A 324 17.19 17.38 22.81
N ASP A 325 17.42 17.15 24.10
CA ASP A 325 16.87 18.00 25.14
C ASP A 325 17.33 17.50 26.51
N SER B 9 -2.59 -4.11 -42.36
CA SER B 9 -3.32 -3.68 -41.16
C SER B 9 -3.81 -4.86 -40.32
N ASN B 10 -3.35 -6.05 -40.67
CA ASN B 10 -3.71 -7.27 -39.95
C ASN B 10 -2.54 -7.69 -39.06
N PHE B 11 -2.45 -7.17 -37.84
CA PHE B 11 -1.23 -7.37 -37.05
C PHE B 11 -1.44 -7.41 -35.53
N GLY B 12 -0.33 -7.26 -34.81
CA GLY B 12 -0.30 -7.25 -33.36
C GLY B 12 1.06 -6.79 -32.82
N ILE B 13 1.26 -6.92 -31.51
CA ILE B 13 2.47 -6.42 -30.84
C ILE B 13 2.76 -7.13 -29.50
N VAL B 14 4.05 -7.32 -29.18
CA VAL B 14 4.43 -8.10 -28.00
C VAL B 14 5.76 -7.62 -27.42
N VAL B 15 5.92 -7.72 -26.09
CA VAL B 15 7.06 -7.12 -25.41
C VAL B 15 8.15 -8.10 -25.01
N GLU B 16 9.41 -7.71 -25.20
CA GLU B 16 10.53 -8.55 -24.81
C GLU B 16 11.38 -7.86 -23.76
N GLN B 17 10.95 -7.95 -22.50
CA GLN B 17 11.57 -7.18 -21.42
C GLN B 17 13.09 -7.32 -21.31
N HIS B 18 13.60 -8.55 -21.37
CA HIS B 18 15.01 -8.81 -21.10
C HIS B 18 15.94 -8.28 -22.19
N LEU B 19 15.37 -7.77 -23.28
CA LEU B 19 16.15 -7.08 -24.29
C LEU B 19 15.57 -5.73 -24.70
N ARG B 20 14.78 -5.15 -23.79
CA ARG B 20 14.22 -3.81 -23.93
C ARG B 20 13.68 -3.54 -25.33
N ARG B 21 13.08 -4.56 -25.93
CA ARG B 21 12.53 -4.43 -27.28
C ARG B 21 11.06 -4.79 -27.32
N ILE B 22 10.33 -4.06 -28.16
CA ILE B 22 8.98 -4.48 -28.54
C ILE B 22 9.14 -5.26 -29.83
N SER B 23 8.03 -5.66 -30.41
CA SER B 23 8.05 -6.33 -31.71
C SER B 23 6.65 -6.30 -32.33
N PHE B 24 6.57 -5.94 -33.60
CA PHE B 24 5.31 -6.02 -34.33
C PHE B 24 5.29 -7.31 -35.11
N PHE B 25 4.11 -7.77 -35.51
CA PHE B 25 4.02 -9.03 -36.23
C PHE B 25 2.67 -9.16 -36.94
N SER B 26 2.67 -9.89 -38.05
CA SER B 26 1.44 -10.13 -38.78
C SER B 26 0.66 -11.24 -38.09
N THR B 27 -0.64 -11.28 -38.31
CA THR B 27 -1.46 -12.32 -37.72
C THR B 27 -1.64 -13.55 -38.64
N ASP B 28 -1.69 -13.33 -39.95
CA ASP B 28 -1.85 -14.43 -40.91
C ASP B 28 -0.51 -15.03 -41.27
N THR B 29 0.46 -14.18 -41.60
CA THR B 29 1.79 -14.60 -42.04
C THR B 29 2.70 -14.99 -40.89
N LEU B 30 2.35 -14.54 -39.69
CA LEU B 30 3.04 -14.93 -38.47
C LEU B 30 4.53 -14.63 -38.46
N GLU B 31 5.01 -13.75 -39.32
CA GLU B 31 6.42 -13.34 -39.20
C GLU B 31 6.58 -11.92 -38.65
N ILE B 32 7.80 -11.59 -38.25
CA ILE B 32 8.06 -10.39 -37.46
C ILE B 32 8.27 -9.12 -38.31
N LEU B 33 7.39 -8.15 -38.09
CA LEU B 33 7.18 -6.99 -38.97
C LEU B 33 8.09 -5.81 -38.71
N ASN B 34 8.32 -5.49 -37.45
CA ASN B 34 9.07 -4.30 -37.07
C ASN B 34 9.59 -4.40 -35.64
N GLN B 35 10.73 -3.77 -35.37
CA GLN B 35 11.26 -3.75 -34.02
C GLN B 35 11.79 -2.39 -33.59
N ILE B 36 11.67 -2.12 -32.30
CA ILE B 36 12.27 -0.95 -31.70
C ILE B 36 12.78 -1.32 -30.33
N THR B 37 14.09 -1.30 -30.17
CA THR B 37 14.67 -1.49 -28.87
C THR B 37 15.08 -0.11 -28.35
N LEU B 38 14.79 0.16 -27.08
CA LEU B 38 15.06 1.48 -26.50
C LEU B 38 15.80 1.44 -25.17
N GLY B 39 16.12 0.24 -24.70
CA GLY B 39 16.81 0.11 -23.43
C GLY B 39 15.94 0.46 -22.23
N TYR B 40 14.63 0.35 -22.42
CA TYR B 40 13.69 0.54 -21.32
C TYR B 40 13.12 -0.76 -20.77
N ASP B 41 12.68 -0.68 -19.52
CA ASP B 41 12.21 -1.81 -18.75
C ASP B 41 10.94 -2.51 -19.30
N PHE B 42 10.57 -2.21 -20.54
CA PHE B 42 9.26 -2.59 -21.11
C PHE B 42 8.49 -3.76 -20.45
N VAL B 43 7.26 -3.49 -19.99
CA VAL B 43 6.36 -4.52 -19.45
C VAL B 43 5.17 -4.83 -20.35
N ASP B 44 4.18 -3.94 -20.37
CA ASP B 44 2.96 -4.22 -21.13
C ASP B 44 2.71 -3.19 -22.24
N THR B 45 1.80 -3.50 -23.16
CA THR B 45 1.36 -2.55 -24.18
C THR B 45 -0.15 -2.53 -24.38
N ALA B 46 -0.66 -1.41 -24.90
CA ALA B 46 -2.06 -1.35 -25.30
C ALA B 46 -2.19 -0.71 -26.68
N ILE B 47 -3.31 -1.04 -27.32
CA ILE B 47 -3.58 -0.65 -28.70
C ILE B 47 -4.91 0.10 -28.76
N THR B 48 -4.94 1.20 -29.51
CA THR B 48 -6.18 1.95 -29.65
C THR B 48 -7.18 1.26 -30.60
N SER B 49 -8.39 1.82 -30.67
CA SER B 49 -9.48 1.24 -31.44
C SER B 49 -9.48 1.71 -32.90
N ASP B 50 -8.74 2.78 -33.19
CA ASP B 50 -8.47 3.17 -34.56
C ASP B 50 -7.34 2.29 -35.05
N CYS B 51 -6.79 1.49 -34.13
CA CYS B 51 -5.60 0.67 -34.37
C CYS B 51 -4.40 1.55 -34.77
N SER B 52 -4.51 2.83 -34.43
CA SER B 52 -3.62 3.88 -34.93
C SER B 52 -2.40 4.12 -34.04
N ASN B 53 -2.61 4.07 -32.73
CA ASN B 53 -1.57 4.39 -31.77
C ASN B 53 -1.30 3.25 -30.79
N VAL B 54 -0.06 3.15 -30.36
CA VAL B 54 0.31 2.14 -29.39
C VAL B 54 1.09 2.74 -28.23
N VAL B 55 1.00 2.05 -27.10
CA VAL B 55 1.56 2.53 -25.87
C VAL B 55 2.32 1.40 -25.19
N VAL B 56 3.46 1.72 -24.58
CA VAL B 56 4.27 0.74 -23.89
C VAL B 56 4.73 1.30 -22.55
N THR B 57 4.84 0.44 -21.53
CA THR B 57 5.26 0.89 -20.20
C THR B 57 6.59 0.30 -19.79
N SER B 58 7.06 0.71 -18.62
CA SER B 58 8.25 0.13 -18.02
C SER B 58 8.17 0.25 -16.51
N ASP B 59 8.86 -0.65 -15.83
CA ASP B 59 8.79 -0.74 -14.38
C ASP B 59 9.80 0.18 -13.72
N PHE B 60 11.06 -0.21 -13.76
CA PHE B 60 12.11 0.53 -13.11
C PHE B 60 12.33 1.87 -13.77
N CYS B 61 12.14 1.92 -15.09
CA CYS B 61 12.43 3.13 -15.84
C CYS B 61 11.23 4.04 -16.06
N GLN B 62 10.21 3.86 -15.24
CA GLN B 62 9.05 4.75 -15.18
C GLN B 62 8.75 5.55 -16.45
N THR B 63 8.77 4.90 -17.62
CA THR B 63 8.54 5.64 -18.86
C THR B 63 7.49 4.99 -19.75
N LEU B 64 6.52 5.78 -20.17
CA LEU B 64 5.50 5.33 -21.11
C LEU B 64 5.83 5.86 -22.48
N VAL B 65 6.16 4.97 -23.41
CA VAL B 65 6.44 5.41 -24.76
C VAL B 65 5.25 5.19 -25.70
N GLN B 66 5.19 6.01 -26.74
CA GLN B 66 4.08 5.95 -27.67
C GLN B 66 4.60 5.85 -29.09
N ILE B 67 3.88 5.11 -29.93
CA ILE B 67 4.27 4.98 -31.33
C ILE B 67 3.06 5.06 -32.26
N GLU B 68 3.23 5.75 -33.39
CA GLU B 68 2.18 5.87 -34.38
C GLU B 68 2.26 4.70 -35.35
N THR B 69 1.11 4.11 -35.64
CA THR B 69 1.08 2.95 -36.54
C THR B 69 0.54 3.33 -37.92
N GLN B 70 0.71 2.41 -38.87
CA GLN B 70 0.25 2.56 -40.26
C GLN B 70 1.08 3.59 -41.06
N LEU B 71 2.34 3.77 -40.67
CA LEU B 71 3.27 4.63 -41.39
C LEU B 71 4.54 3.88 -41.83
N GLU B 72 5.35 4.50 -42.68
CA GLU B 72 6.52 3.87 -43.31
C GLU B 72 7.22 2.83 -42.40
N PRO B 73 8.03 3.28 -41.42
CA PRO B 73 8.29 2.33 -40.34
C PRO B 73 7.68 2.85 -39.05
N PRO B 74 6.71 2.10 -38.49
CA PRO B 74 6.09 2.49 -37.23
C PRO B 74 7.08 3.18 -36.29
N LYS B 75 6.91 4.48 -36.06
CA LYS B 75 7.86 5.23 -35.22
C LYS B 75 7.22 5.96 -34.03
N VAL B 76 8.07 6.25 -33.04
CA VAL B 76 7.64 6.88 -31.80
C VAL B 76 7.18 8.29 -32.07
N VAL B 77 6.13 8.69 -31.37
CA VAL B 77 5.65 10.06 -31.45
C VAL B 77 5.91 10.78 -30.12
N ALA B 78 5.64 10.08 -29.01
CA ALA B 78 5.85 10.65 -27.68
C ALA B 78 6.55 9.69 -26.74
N ILE B 79 7.21 10.26 -25.73
CA ILE B 79 7.96 9.47 -24.75
C ILE B 79 8.08 10.24 -23.42
N GLN B 80 7.39 9.73 -22.40
CA GLN B 80 7.18 10.47 -21.15
C GLN B 80 7.55 9.72 -19.86
N GLU B 81 8.33 10.34 -19.00
CA GLU B 81 8.63 9.73 -17.70
C GLU B 81 7.50 10.00 -16.70
N GLY B 82 7.07 8.92 -16.05
CA GLY B 82 6.06 9.02 -15.01
C GLY B 82 6.68 9.24 -13.63
N GLN B 83 5.85 9.05 -12.61
CA GLN B 83 6.22 9.35 -11.24
C GLN B 83 6.74 8.12 -10.49
N SER B 84 6.07 6.99 -10.70
CA SER B 84 6.51 5.73 -10.10
C SER B 84 6.53 4.64 -11.15
N SER B 85 6.80 3.42 -10.70
CA SER B 85 6.77 2.25 -11.57
C SER B 85 5.43 2.12 -12.33
N MSE B 86 5.47 1.28 -13.36
CA MSE B 86 4.44 1.27 -14.38
C MSE B 86 4.48 -0.13 -14.97
O MSE B 86 5.55 -0.61 -15.30
CB MSE B 86 4.83 2.27 -15.45
CG MSE B 86 3.70 2.94 -16.16
SE MSE B 86 4.30 4.61 -17.00
CE MSE B 86 5.20 5.37 -15.45
N ALA B 87 3.32 -0.77 -15.12
CA ALA B 87 3.33 -2.20 -15.42
C ALA B 87 1.99 -2.80 -15.84
N ASP B 88 1.06 -2.01 -16.32
CA ASP B 88 -0.19 -2.53 -16.86
C ASP B 88 -1.10 -1.39 -17.25
N VAL B 89 -1.59 -1.46 -18.48
CA VAL B 89 -2.24 -0.32 -19.08
C VAL B 89 -3.56 -0.70 -19.70
N ASP B 90 -4.44 0.28 -19.81
CA ASP B 90 -5.65 0.15 -20.59
C ASP B 90 -5.96 1.50 -21.23
N ILE B 91 -6.72 1.51 -22.34
CA ILE B 91 -7.25 2.76 -22.90
C ILE B 91 -8.78 2.86 -22.80
N THR B 92 -9.28 4.09 -22.82
CA THR B 92 -10.69 4.36 -22.60
C THR B 92 -11.45 4.34 -23.92
N PRO B 93 -12.67 3.80 -23.91
CA PRO B 93 -13.42 3.40 -25.11
C PRO B 93 -13.30 4.37 -26.30
N ASP B 94 -13.49 5.67 -26.05
CA ASP B 94 -13.39 6.68 -27.12
C ASP B 94 -11.93 7.00 -27.42
N ASP B 95 -11.04 6.23 -26.80
CA ASP B 95 -9.63 6.21 -27.14
C ASP B 95 -8.90 7.49 -26.76
N GLN B 96 -9.26 8.06 -25.63
CA GLN B 96 -8.76 9.37 -25.23
C GLN B 96 -7.65 9.35 -24.16
N PHE B 97 -7.73 8.40 -23.24
CA PHE B 97 -6.72 8.31 -22.19
C PHE B 97 -6.13 6.90 -22.04
N ALA B 98 -4.99 6.82 -21.35
CA ALA B 98 -4.31 5.55 -21.10
C ALA B 98 -3.86 5.47 -19.64
N VAL B 99 -4.18 4.36 -18.97
CA VAL B 99 -4.04 4.29 -17.51
C VAL B 99 -3.07 3.23 -16.97
N THR B 100 -2.04 3.73 -16.28
CA THR B 100 -0.99 2.90 -15.71
C THR B 100 -1.27 2.44 -14.28
N VAL B 101 -0.73 1.29 -13.92
CA VAL B 101 -0.77 0.83 -12.53
C VAL B 101 0.62 0.31 -12.19
N THR B 102 1.01 0.33 -10.92
CA THR B 102 2.41 0.10 -10.61
C THR B 102 2.90 -1.31 -10.85
N GLY B 103 4.23 -1.41 -10.79
CA GLY B 103 4.90 -2.68 -10.87
C GLY B 103 5.58 -2.98 -9.57
N LEU B 104 6.72 -3.66 -9.68
CA LEU B 104 7.49 -4.10 -8.54
C LEU B 104 8.13 -2.92 -7.81
N ASN B 105 8.28 -1.80 -8.53
CA ASN B 105 9.04 -0.69 -8.02
C ASN B 105 8.25 0.35 -7.23
N HIS B 106 8.42 0.30 -5.92
CA HIS B 106 7.88 1.32 -5.04
C HIS B 106 8.38 2.70 -5.51
N PRO B 107 7.51 3.72 -5.47
CA PRO B 107 6.18 3.82 -4.85
C PRO B 107 5.02 3.31 -5.70
N PHE B 108 3.82 3.38 -5.14
CA PHE B 108 2.62 2.84 -5.78
C PHE B 108 1.56 3.87 -6.13
N ASN B 109 1.45 4.17 -7.43
CA ASN B 109 0.48 5.15 -7.92
C ASN B 109 -0.24 4.69 -9.18
N MSE B 110 -1.43 5.23 -9.40
CA MSE B 110 -2.14 5.05 -10.67
C MSE B 110 -1.99 6.33 -11.48
O MSE B 110 -2.15 7.44 -10.96
CB MSE B 110 -3.63 4.73 -10.44
CG MSE B 110 -4.42 4.57 -11.73
SE MSE B 110 -6.34 4.30 -11.50
CE MSE B 110 -6.24 2.98 -10.07
N GLN B 111 -1.69 6.20 -12.77
CA GLN B 111 -1.37 7.37 -13.57
C GLN B 111 -2.25 7.47 -14.81
N SER B 112 -2.55 8.70 -15.22
CA SER B 112 -3.38 8.93 -16.39
C SER B 112 -2.55 9.57 -17.48
N TYR B 113 -2.92 9.29 -18.73
CA TYR B 113 -2.20 9.84 -19.86
C TYR B 113 -3.16 10.17 -21.01
N SER B 114 -2.98 11.37 -21.57
CA SER B 114 -3.87 11.91 -22.60
C SER B 114 -3.36 11.67 -24.02
N PHE B 115 -4.27 11.23 -24.88
CA PHE B 115 -3.96 11.02 -26.30
C PHE B 115 -3.99 12.32 -27.11
N LEU B 116 -4.69 13.33 -26.59
CA LEU B 116 -4.61 14.66 -27.16
C LEU B 116 -3.26 15.28 -26.80
N LYS B 117 -3.12 15.67 -25.54
CA LYS B 117 -1.95 16.39 -25.07
C LYS B 117 -0.63 15.61 -25.10
N ASN B 118 -0.71 14.29 -25.23
CA ASN B 118 0.47 13.43 -25.28
C ASN B 118 1.33 13.55 -24.03
N LYS B 119 0.69 13.59 -22.88
CA LYS B 119 1.41 13.58 -21.61
C LYS B 119 0.45 13.23 -20.48
N PHE B 120 0.95 13.28 -19.25
CA PHE B 120 0.15 12.89 -18.09
C PHE B 120 -0.86 13.96 -17.59
N ILE B 121 -1.61 13.60 -16.57
CA ILE B 121 -2.66 14.44 -16.01
C ILE B 121 -2.72 14.20 -14.50
N SER B 122 -3.58 13.28 -14.07
CA SER B 122 -3.72 12.92 -12.65
C SER B 122 -2.83 11.75 -12.22
N THR B 123 -2.60 11.62 -10.92
CA THR B 123 -1.75 10.59 -10.36
C THR B 123 -2.03 10.31 -8.88
N ILE B 124 -2.96 9.39 -8.60
CA ILE B 124 -3.28 9.04 -7.22
C ILE B 124 -2.38 7.92 -6.73
N PRO B 125 -2.39 7.63 -5.42
CA PRO B 125 -1.66 6.47 -4.94
C PRO B 125 -2.63 5.32 -4.83
N ILE B 126 -2.13 4.11 -4.97
CA ILE B 126 -2.93 2.91 -4.80
C ILE B 126 -2.27 2.10 -3.70
N PRO B 127 -2.92 1.02 -3.20
CA PRO B 127 -2.29 0.31 -2.07
C PRO B 127 -1.20 -0.65 -2.50
N TYR B 128 -0.31 -0.98 -1.56
CA TYR B 128 0.85 -1.85 -1.79
C TYR B 128 0.61 -3.16 -2.55
N ASP B 129 -0.54 -3.78 -2.36
CA ASP B 129 -0.83 -5.02 -3.08
C ASP B 129 -1.68 -4.80 -4.32
N ALA B 130 -1.48 -3.68 -5.00
CA ALA B 130 -2.25 -3.39 -6.20
C ALA B 130 -1.68 -4.13 -7.39
N VAL B 131 -2.57 -4.68 -8.21
CA VAL B 131 -2.18 -5.46 -9.37
C VAL B 131 -3.21 -5.32 -10.50
N GLY B 132 -2.78 -4.84 -11.65
CA GLY B 132 -3.64 -4.83 -12.81
C GLY B 132 -4.72 -3.76 -12.78
N ILE B 133 -5.31 -3.48 -13.94
CA ILE B 133 -6.30 -2.42 -14.08
C ILE B 133 -7.31 -2.74 -15.19
N ALA B 134 -8.55 -2.28 -15.04
CA ALA B 134 -9.58 -2.50 -16.06
C ALA B 134 -10.52 -1.31 -16.19
N ILE B 135 -10.97 -1.02 -17.43
CA ILE B 135 -11.76 0.19 -17.70
C ILE B 135 -13.06 -0.05 -18.47
N SER B 136 -14.20 0.07 -17.79
CA SER B 136 -15.48 -0.24 -18.42
C SER B 136 -15.54 0.33 -19.81
N PRO B 137 -15.89 -0.52 -20.78
CA PRO B 137 -16.13 -0.12 -22.18
C PRO B 137 -17.52 0.49 -22.33
N ASN B 138 -17.90 1.37 -21.39
CA ASN B 138 -19.21 1.99 -21.40
C ASN B 138 -19.04 3.45 -21.65
N GLY B 139 -17.93 3.99 -21.15
CA GLY B 139 -17.71 5.42 -21.15
C GLY B 139 -18.17 5.96 -19.81
N ASN B 140 -18.68 5.06 -18.99
CA ASN B 140 -19.11 5.41 -17.64
C ASN B 140 -17.91 5.63 -16.73
N GLY B 141 -16.72 5.46 -17.28
CA GLY B 141 -15.50 5.82 -16.59
C GLY B 141 -15.17 4.94 -15.40
N LEU B 142 -15.77 3.76 -15.33
CA LEU B 142 -15.51 2.87 -14.21
C LEU B 142 -14.20 2.10 -14.35
N ILE B 143 -13.38 2.18 -13.29
CA ILE B 143 -12.06 1.58 -13.24
C ILE B 143 -11.88 0.60 -12.08
N LEU B 144 -11.17 -0.50 -12.33
CA LEU B 144 -11.06 -1.59 -11.37
C LEU B 144 -9.62 -2.09 -11.19
N ILE B 145 -9.26 -2.47 -9.97
CA ILE B 145 -7.94 -3.05 -9.69
C ILE B 145 -7.97 -4.21 -8.66
N ASP B 146 -6.91 -5.01 -8.63
CA ASP B 146 -6.84 -6.16 -7.73
C ASP B 146 -5.99 -5.81 -6.53
N ARG B 147 -6.50 -6.13 -5.36
CA ARG B 147 -5.67 -6.17 -4.17
C ARG B 147 -5.36 -7.62 -3.92
N SER B 148 -4.14 -8.02 -4.29
CA SER B 148 -3.78 -9.42 -4.31
C SER B 148 -3.58 -10.00 -2.90
N SER B 149 -3.44 -9.15 -1.88
CA SER B 149 -3.22 -9.67 -0.53
C SER B 149 -4.47 -9.56 0.32
N ALA B 150 -5.33 -8.61 -0.03
CA ALA B 150 -6.62 -8.43 0.64
C ALA B 150 -7.69 -9.35 0.03
N ASN B 151 -7.41 -9.83 -1.18
CA ASN B 151 -8.29 -10.76 -1.88
C ASN B 151 -9.59 -10.04 -2.15
N THR B 152 -9.50 -9.02 -2.97
CA THR B 152 -10.53 -8.03 -3.06
C THR B 152 -10.24 -7.22 -4.31
N VAL B 153 -11.26 -6.66 -4.93
CA VAL B 153 -10.98 -5.64 -5.93
C VAL B 153 -11.45 -4.29 -5.41
N ARG B 154 -10.93 -3.22 -5.98
CA ARG B 154 -11.22 -1.86 -5.55
C ARG B 154 -11.66 -0.99 -6.72
N ARG B 155 -12.63 -0.12 -6.47
CA ARG B 155 -13.25 0.70 -7.52
C ARG B 155 -12.65 2.10 -7.64
N PHE B 156 -12.55 2.58 -8.88
CA PHE B 156 -12.09 3.93 -9.17
C PHE B 156 -12.94 4.56 -10.26
N LYS B 157 -12.67 5.83 -10.51
CA LYS B 157 -13.39 6.57 -11.52
C LYS B 157 -12.40 7.44 -12.31
N ILE B 158 -12.65 7.53 -13.61
CA ILE B 158 -11.94 8.43 -14.50
C ILE B 158 -13.03 9.19 -15.25
N ASP B 159 -12.99 10.53 -15.23
CA ASP B 159 -14.06 11.29 -15.90
C ASP B 159 -13.76 11.45 -17.40
N ALA B 160 -14.32 12.49 -18.01
CA ALA B 160 -14.04 12.77 -19.42
C ALA B 160 -12.92 13.79 -19.53
N ASP B 161 -12.39 14.18 -18.37
CA ASP B 161 -11.36 15.21 -18.29
C ASP B 161 -10.02 14.55 -18.04
N GLY B 162 -10.06 13.25 -17.77
CA GLY B 162 -8.86 12.45 -17.55
C GLY B 162 -8.42 12.44 -16.09
N VAL B 163 -9.37 12.63 -15.17
CA VAL B 163 -9.01 12.70 -13.77
C VAL B 163 -9.37 11.44 -12.99
N LEU B 164 -8.47 11.10 -12.05
CA LEU B 164 -8.49 9.85 -11.31
C LEU B 164 -8.99 10.01 -9.89
N PHE B 165 -10.11 9.37 -9.57
CA PHE B 165 -10.62 9.38 -8.21
C PHE B 165 -10.57 7.96 -7.63
N ASP B 166 -10.34 7.88 -6.33
CA ASP B 166 -10.36 6.62 -5.61
C ASP B 166 -11.59 6.58 -4.67
N THR B 167 -12.59 5.79 -5.05
CA THR B 167 -13.83 5.66 -4.29
C THR B 167 -13.68 5.01 -2.93
N GLY B 168 -12.72 4.11 -2.79
CA GLY B 168 -12.49 3.45 -1.53
C GLY B 168 -13.24 2.15 -1.39
N GLN B 169 -14.11 1.84 -2.36
CA GLN B 169 -14.98 0.67 -2.27
C GLN B 169 -14.23 -0.64 -2.59
N GLU B 170 -14.46 -1.66 -1.78
CA GLU B 170 -13.82 -2.96 -2.00
C GLU B 170 -14.81 -4.14 -1.90
N PHE B 171 -14.60 -5.14 -2.76
CA PHE B 171 -15.52 -6.26 -2.91
C PHE B 171 -14.75 -7.56 -3.03
N ILE B 172 -15.26 -8.65 -2.41
CA ILE B 172 -14.65 -9.96 -2.55
C ILE B 172 -14.43 -10.35 -4.01
N SER B 173 -13.30 -11.02 -4.25
CA SER B 173 -12.96 -11.55 -5.57
C SER B 173 -13.40 -13.02 -5.71
N GLY B 174 -13.87 -13.62 -4.62
CA GLY B 174 -14.30 -15.01 -4.60
C GLY B 174 -13.15 -15.99 -4.74
N GLY B 175 -11.96 -15.54 -4.35
CA GLY B 175 -10.80 -16.40 -4.44
C GLY B 175 -9.71 -15.77 -3.62
N THR B 176 -8.50 -16.27 -3.79
CA THR B 176 -7.33 -15.73 -3.14
C THR B 176 -6.26 -15.39 -4.18
N ARG B 177 -5.55 -14.31 -3.93
CA ARG B 177 -4.61 -13.75 -4.90
C ARG B 177 -5.26 -13.30 -6.22
N PRO B 178 -6.21 -12.35 -6.16
CA PRO B 178 -6.70 -11.65 -7.36
C PRO B 178 -5.53 -11.09 -8.16
N PHE B 179 -5.59 -11.08 -9.47
CA PHE B 179 -4.39 -10.71 -10.21
C PHE B 179 -4.62 -10.24 -11.65
N ASN B 180 -5.80 -10.52 -12.21
CA ASN B 180 -6.14 -10.04 -13.55
C ASN B 180 -7.61 -9.66 -13.60
N ILE B 181 -7.94 -8.58 -14.30
CA ILE B 181 -9.35 -8.20 -14.46
C ILE B 181 -9.69 -7.96 -15.92
N THR B 182 -10.90 -8.35 -16.30
CA THR B 182 -11.34 -8.17 -17.68
C THR B 182 -12.84 -7.89 -17.81
N PHE B 183 -13.18 -6.69 -18.27
CA PHE B 183 -14.57 -6.32 -18.54
C PHE B 183 -15.16 -7.06 -19.75
N THR B 184 -16.48 -7.14 -19.81
CA THR B 184 -17.16 -7.64 -21.01
C THR B 184 -17.39 -6.48 -21.99
N PRO B 185 -17.54 -6.81 -23.28
CA PRO B 185 -17.89 -5.82 -24.30
C PRO B 185 -18.74 -4.67 -23.73
N ASP B 186 -19.85 -5.00 -23.06
CA ASP B 186 -20.66 -4.03 -22.32
C ASP B 186 -20.24 -4.01 -20.85
N GLY B 187 -19.87 -2.84 -20.35
CA GLY B 187 -19.31 -2.75 -19.01
C GLY B 187 -20.13 -3.32 -17.86
N ASN B 188 -21.00 -4.29 -18.16
CA ASN B 188 -21.94 -4.77 -17.15
C ASN B 188 -21.36 -5.78 -16.18
N PHE B 189 -20.39 -6.57 -16.63
CA PHE B 189 -19.76 -7.54 -15.76
C PHE B 189 -18.24 -7.42 -15.79
N ALA B 190 -17.57 -8.14 -14.88
CA ALA B 190 -16.11 -8.18 -14.84
C ALA B 190 -15.63 -9.54 -14.35
N PHE B 191 -14.40 -9.88 -14.70
CA PHE B 191 -13.84 -11.16 -14.32
C PHE B 191 -12.52 -11.03 -13.58
N VAL B 192 -12.47 -11.58 -12.38
CA VAL B 192 -11.26 -11.58 -11.59
C VAL B 192 -10.68 -12.98 -11.55
N ALA B 193 -9.48 -13.15 -12.12
CA ALA B 193 -8.74 -14.40 -11.98
C ALA B 193 -8.02 -14.46 -10.64
N ASN B 194 -8.39 -15.43 -9.81
CA ASN B 194 -7.70 -15.68 -8.56
C ASN B 194 -6.68 -16.79 -8.72
N LEU B 195 -5.40 -16.41 -8.64
CA LEU B 195 -4.27 -17.32 -8.77
C LEU B 195 -4.19 -18.50 -7.81
N ILE B 196 -4.36 -18.24 -6.51
CA ILE B 196 -4.28 -19.31 -5.51
C ILE B 196 -5.64 -19.99 -5.29
N GLY B 197 -6.70 -19.20 -5.41
CA GLY B 197 -8.04 -19.70 -5.23
C GLY B 197 -8.47 -20.42 -6.49
N ASN B 198 -7.59 -20.42 -7.50
CA ASN B 198 -7.83 -21.14 -8.75
C ASN B 198 -9.30 -21.08 -9.14
N SER B 199 -9.74 -19.87 -9.45
CA SER B 199 -11.16 -19.62 -9.67
C SER B 199 -11.31 -18.30 -10.35
N ILE B 200 -12.52 -17.99 -10.80
CA ILE B 200 -12.77 -16.70 -11.40
C ILE B 200 -14.00 -16.05 -10.78
N GLY B 201 -13.85 -14.79 -10.40
CA GLY B 201 -14.91 -14.03 -9.75
C GLY B 201 -15.72 -13.26 -10.78
N ILE B 202 -17.05 -13.25 -10.62
CA ILE B 202 -17.96 -12.52 -11.50
C ILE B 202 -18.62 -11.33 -10.79
N LEU B 203 -18.11 -10.14 -11.07
CA LEU B 203 -18.63 -8.93 -10.46
C LEU B 203 -19.67 -8.33 -11.36
N GLU B 204 -20.84 -8.02 -10.82
CA GLU B 204 -21.87 -7.28 -11.54
C GLU B 204 -21.49 -5.80 -11.59
N THR B 205 -21.68 -5.17 -12.75
CA THR B 205 -21.15 -3.83 -12.95
C THR B 205 -22.09 -2.85 -13.68
N GLN B 206 -23.29 -3.30 -14.04
CA GLN B 206 -24.25 -2.42 -14.70
C GLN B 206 -24.28 -1.03 -14.09
N ASN B 207 -24.05 -0.97 -12.79
CA ASN B 207 -24.06 0.29 -12.07
C ASN B 207 -22.91 0.37 -11.07
N PRO B 208 -21.94 1.24 -11.34
CA PRO B 208 -20.77 1.38 -10.46
C PRO B 208 -21.10 1.76 -9.01
N GLU B 209 -22.38 1.86 -8.67
CA GLU B 209 -22.73 2.16 -7.29
C GLU B 209 -22.93 0.87 -6.52
N ASN B 210 -23.82 0.04 -7.03
CA ASN B 210 -24.09 -1.24 -6.42
C ASN B 210 -23.38 -2.39 -7.16
N ILE B 211 -22.07 -2.48 -6.97
CA ILE B 211 -21.25 -3.56 -7.50
C ILE B 211 -21.03 -4.64 -6.45
N THR B 212 -21.14 -5.91 -6.84
CA THR B 212 -20.94 -7.04 -5.92
C THR B 212 -20.28 -8.17 -6.66
N LEU B 213 -19.90 -9.20 -5.91
CA LEU B 213 -19.57 -10.49 -6.50
C LEU B 213 -20.85 -11.27 -6.67
N LEU B 214 -21.00 -12.00 -7.78
CA LEU B 214 -22.21 -12.80 -7.97
C LEU B 214 -21.96 -14.28 -7.67
N ASN B 215 -20.96 -14.83 -8.33
CA ASN B 215 -20.60 -16.21 -8.11
C ASN B 215 -19.17 -16.41 -8.57
N ALA B 216 -18.53 -17.49 -8.11
CA ALA B 216 -17.14 -17.70 -8.47
C ALA B 216 -16.91 -19.12 -8.97
N VAL B 217 -16.68 -19.26 -10.26
CA VAL B 217 -16.47 -20.57 -10.86
C VAL B 217 -14.98 -20.95 -10.80
N GLY B 218 -14.69 -22.21 -10.52
CA GLY B 218 -13.32 -22.69 -10.43
C GLY B 218 -12.58 -22.92 -11.75
N THR B 219 -11.25 -22.86 -11.67
CA THR B 219 -10.40 -23.01 -12.85
C THR B 219 -9.40 -24.14 -12.66
N ASN B 220 -8.54 -24.32 -13.65
CA ASN B 220 -7.64 -25.45 -13.70
C ASN B 220 -6.53 -25.35 -12.69
N ASN B 221 -5.71 -24.31 -12.85
CA ASN B 221 -4.68 -23.98 -11.89
C ASN B 221 -3.83 -22.86 -12.39
N LEU B 222 -3.59 -21.92 -11.48
CA LEU B 222 -2.89 -20.68 -11.78
C LEU B 222 -3.56 -19.94 -12.93
N PRO B 223 -4.82 -19.52 -12.74
CA PRO B 223 -5.51 -18.80 -13.80
C PRO B 223 -4.82 -17.47 -14.06
N GLY B 224 -4.46 -17.24 -15.31
CA GLY B 224 -3.67 -16.06 -15.64
C GLY B 224 -4.55 -14.96 -16.16
N THR B 225 -4.38 -14.60 -17.41
CA THR B 225 -5.13 -13.50 -17.97
C THR B 225 -6.50 -14.00 -18.50
N ILE B 226 -7.43 -13.07 -18.72
CA ILE B 226 -8.79 -13.40 -19.16
C ILE B 226 -9.11 -12.67 -20.46
N VAL B 227 -9.47 -13.40 -21.51
CA VAL B 227 -9.86 -12.76 -22.76
C VAL B 227 -11.35 -13.00 -23.04
N VAL B 228 -11.98 -12.05 -23.70
CA VAL B 228 -13.41 -12.14 -23.96
C VAL B 228 -13.78 -11.94 -25.44
N SER B 229 -14.59 -12.87 -25.95
CA SER B 229 -15.15 -12.74 -27.29
C SER B 229 -15.98 -11.47 -27.36
N ARG B 230 -15.78 -10.67 -28.41
CA ARG B 230 -16.49 -9.40 -28.52
C ARG B 230 -18.00 -9.59 -28.63
N ASP B 231 -18.44 -10.84 -28.77
CA ASP B 231 -19.87 -11.17 -28.76
C ASP B 231 -20.39 -11.49 -27.34
N GLY B 232 -19.47 -11.55 -26.38
CA GLY B 232 -19.82 -11.85 -25.00
C GLY B 232 -19.96 -13.33 -24.70
N SER B 233 -20.49 -14.07 -25.67
CA SER B 233 -20.75 -15.50 -25.52
C SER B 233 -19.66 -16.26 -24.75
N THR B 234 -18.41 -16.08 -25.14
CA THR B 234 -17.36 -17.01 -24.73
C THR B 234 -16.13 -16.37 -24.05
N VAL B 235 -15.65 -16.99 -22.97
CA VAL B 235 -14.50 -16.46 -22.22
C VAL B 235 -13.31 -17.43 -22.17
N TYR B 236 -12.15 -16.95 -22.62
CA TYR B 236 -10.93 -17.76 -22.71
C TYR B 236 -9.93 -17.37 -21.62
N VAL B 237 -9.40 -18.36 -20.91
CA VAL B 237 -8.53 -18.11 -19.76
C VAL B 237 -7.19 -18.83 -19.88
N LEU B 238 -6.13 -18.16 -19.44
CA LEU B 238 -4.78 -18.71 -19.54
C LEU B 238 -4.25 -19.29 -18.23
N THR B 239 -4.42 -20.59 -18.01
CA THR B 239 -3.91 -21.19 -16.77
C THR B 239 -2.47 -21.70 -16.91
N GLU B 240 -2.06 -22.43 -15.89
CA GLU B 240 -0.67 -22.79 -15.69
C GLU B 240 -0.04 -23.49 -16.87
N SER B 241 -0.80 -24.41 -17.47
CA SER B 241 -0.27 -25.29 -18.49
C SER B 241 -1.36 -25.71 -19.47
N THR B 242 -2.54 -25.13 -19.28
CA THR B 242 -3.65 -25.34 -20.19
C THR B 242 -4.45 -24.06 -20.38
N VAL B 243 -5.42 -24.14 -21.27
CA VAL B 243 -6.31 -23.02 -21.53
C VAL B 243 -7.74 -23.45 -21.31
N ASP B 244 -8.46 -22.68 -20.50
CA ASP B 244 -9.84 -23.01 -20.19
C ASP B 244 -10.78 -22.21 -21.07
N VAL B 245 -11.82 -22.87 -21.56
CA VAL B 245 -12.84 -22.15 -22.31
C VAL B 245 -14.22 -22.20 -21.63
N PHE B 246 -14.91 -21.07 -21.66
CA PHE B 246 -16.09 -20.82 -20.85
C PHE B 246 -17.18 -20.10 -21.63
N ASN B 247 -18.42 -20.41 -21.32
CA ASN B 247 -19.53 -19.74 -21.96
C ASN B 247 -20.28 -18.85 -20.98
N PHE B 248 -20.26 -17.56 -21.23
CA PHE B 248 -20.93 -16.61 -20.36
C PHE B 248 -22.34 -16.33 -20.84
N ASN B 249 -23.33 -16.66 -20.01
CA ASN B 249 -24.72 -16.26 -20.23
C ASN B 249 -24.88 -14.80 -19.82
N GLN B 250 -25.04 -13.91 -20.80
CA GLN B 250 -24.95 -12.47 -20.53
C GLN B 250 -26.18 -11.90 -19.84
N LEU B 251 -27.16 -12.76 -19.59
CA LEU B 251 -28.32 -12.38 -18.80
C LEU B 251 -28.01 -12.57 -17.35
N SER B 252 -27.94 -13.84 -16.95
CA SER B 252 -27.82 -14.21 -15.55
C SER B 252 -26.38 -14.15 -15.05
N GLY B 253 -25.50 -13.55 -15.84
CA GLY B 253 -24.09 -13.49 -15.51
C GLY B 253 -23.55 -14.85 -15.12
N THR B 254 -23.88 -15.87 -15.92
CA THR B 254 -23.54 -17.24 -15.58
C THR B 254 -22.38 -17.80 -16.39
N LEU B 255 -21.23 -17.88 -15.74
CA LEU B 255 -20.05 -18.51 -16.31
C LEU B 255 -20.15 -20.04 -16.21
N SER B 256 -19.93 -20.71 -17.33
CA SER B 256 -20.09 -22.15 -17.38
C SER B 256 -18.91 -22.82 -18.10
N PHE B 257 -18.32 -23.80 -17.44
CA PHE B 257 -17.18 -24.47 -18.03
C PHE B 257 -17.60 -25.13 -19.32
N VAL B 258 -16.67 -25.27 -20.25
CA VAL B 258 -16.95 -26.01 -21.47
C VAL B 258 -15.80 -26.95 -21.84
N LYS B 259 -14.62 -26.38 -22.04
CA LYS B 259 -13.51 -27.17 -22.54
C LYS B 259 -12.16 -26.65 -22.03
N SER B 260 -11.15 -27.53 -22.06
CA SER B 260 -9.77 -27.18 -21.74
C SER B 260 -8.87 -27.76 -22.81
N PHE B 261 -7.75 -27.09 -23.05
CA PHE B 261 -6.73 -27.66 -23.91
C PHE B 261 -5.34 -27.19 -23.50
N GLY B 262 -4.41 -28.14 -23.41
CA GLY B 262 -3.06 -27.84 -23.01
C GLY B 262 -2.36 -26.96 -24.02
N HIS B 263 -1.32 -26.28 -23.59
CA HIS B 263 -0.59 -25.43 -24.50
C HIS B 263 0.87 -25.80 -24.45
N GLY B 264 1.19 -26.72 -23.55
CA GLY B 264 2.57 -27.13 -23.36
C GLY B 264 3.49 -25.94 -23.41
N LEU B 265 3.13 -24.90 -22.66
CA LEU B 265 3.96 -23.69 -22.51
C LEU B 265 4.32 -23.40 -21.06
N LEU B 266 5.30 -22.54 -20.87
CA LEU B 266 5.77 -22.19 -19.53
C LEU B 266 5.57 -20.71 -19.22
N ILE B 267 4.87 -20.43 -18.13
CA ILE B 267 4.50 -19.04 -17.88
C ILE B 267 4.36 -18.66 -16.40
N ASP B 268 5.00 -17.55 -16.03
CA ASP B 268 4.82 -17.01 -14.68
C ASP B 268 4.12 -15.65 -14.68
N PRO B 269 2.85 -15.61 -14.28
CA PRO B 269 2.13 -14.35 -14.39
C PRO B 269 2.53 -13.32 -13.33
N ARG B 270 3.17 -13.76 -12.25
CA ARG B 270 3.53 -12.86 -11.15
C ARG B 270 4.40 -11.67 -11.55
N PRO B 271 5.58 -11.90 -12.14
CA PRO B 271 6.50 -10.79 -12.40
C PRO B 271 5.99 -9.71 -13.36
N LEU B 272 4.84 -9.92 -13.98
CA LEU B 272 4.30 -8.96 -14.94
C LEU B 272 3.05 -8.19 -14.48
N PHE B 273 2.74 -8.31 -13.18
CA PHE B 273 1.72 -7.53 -12.49
C PHE B 273 0.44 -7.14 -13.25
N GLY B 274 -0.24 -8.15 -13.77
CA GLY B 274 -1.56 -7.95 -14.37
C GLY B 274 -1.53 -7.93 -15.88
N ALA B 275 -0.34 -7.77 -16.45
CA ALA B 275 -0.19 -7.58 -17.88
C ALA B 275 -0.82 -8.73 -18.65
N ASN B 276 -1.49 -8.39 -19.75
CA ASN B 276 -2.20 -9.38 -20.54
C ASN B 276 -1.26 -10.21 -21.39
N GLN B 277 -1.31 -11.53 -21.19
CA GLN B 277 -0.40 -12.44 -21.90
C GLN B 277 -1.11 -13.36 -22.89
N MSE B 278 -2.31 -12.99 -23.31
CA MSE B 278 -3.00 -13.74 -24.36
C MSE B 278 -3.94 -12.81 -25.07
O MSE B 278 -4.62 -12.01 -24.45
CB MSE B 278 -3.74 -14.93 -23.78
CG MSE B 278 -4.33 -15.85 -24.84
SE MSE B 278 -5.47 -17.25 -24.12
CE MSE B 278 -4.17 -18.24 -23.13
N ALA B 279 -4.01 -12.94 -26.38
CA ALA B 279 -4.87 -12.09 -27.19
C ALA B 279 -5.75 -12.90 -28.11
N LEU B 280 -6.33 -12.23 -29.11
CA LEU B 280 -7.34 -12.87 -29.92
C LEU B 280 -7.34 -12.19 -31.28
N ASN B 281 -7.10 -12.95 -32.35
CA ASN B 281 -7.16 -12.35 -33.68
C ASN B 281 -8.55 -11.79 -34.00
N LYS B 282 -8.57 -10.72 -34.79
CA LYS B 282 -9.82 -10.07 -35.17
C LYS B 282 -10.94 -11.09 -35.37
N THR B 283 -10.78 -11.94 -36.38
CA THR B 283 -11.79 -12.95 -36.69
C THR B 283 -12.13 -13.80 -35.47
N GLU B 284 -11.21 -13.85 -34.51
CA GLU B 284 -11.40 -14.64 -33.30
C GLU B 284 -11.23 -16.13 -33.58
N THR B 285 -10.54 -16.44 -34.67
CA THR B 285 -10.29 -17.82 -35.06
C THR B 285 -9.07 -18.41 -34.34
N LYS B 286 -8.16 -17.54 -33.91
CA LYS B 286 -6.93 -17.96 -33.24
C LYS B 286 -6.71 -17.23 -31.90
N LEU B 287 -5.75 -17.72 -31.12
CA LEU B 287 -5.35 -17.12 -29.84
C LEU B 287 -3.84 -16.97 -29.79
N PHE B 288 -3.37 -15.83 -29.33
CA PHE B 288 -1.93 -15.56 -29.34
C PHE B 288 -1.34 -15.40 -27.94
N ILE B 289 -0.54 -16.37 -27.52
CA ILE B 289 -0.02 -16.38 -26.15
C ILE B 289 1.45 -16.00 -26.05
N SER B 290 1.76 -15.14 -25.08
CA SER B 290 3.13 -14.72 -24.79
C SER B 290 3.72 -15.52 -23.63
N ALA B 291 4.62 -16.46 -23.94
CA ALA B 291 5.12 -17.41 -22.96
C ALA B 291 6.29 -16.87 -22.17
N ASN B 292 6.01 -16.55 -20.91
CA ASN B 292 6.95 -15.91 -19.99
C ASN B 292 8.28 -16.65 -19.79
N ILE B 293 8.17 -17.97 -19.66
CA ILE B 293 9.32 -18.82 -19.34
C ILE B 293 9.83 -19.49 -20.58
N SER B 294 8.93 -20.11 -21.33
CA SER B 294 9.24 -20.66 -22.64
C SER B 294 9.95 -19.63 -23.48
N ARG B 295 9.57 -18.36 -23.32
CA ARG B 295 10.11 -17.26 -24.10
C ARG B 295 9.72 -17.35 -25.57
N GLU B 296 8.49 -17.80 -25.83
CA GLU B 296 8.04 -17.97 -27.19
C GLU B 296 6.70 -17.31 -27.40
N LEU B 297 6.30 -17.13 -28.65
CA LEU B 297 4.96 -16.62 -28.95
C LEU B 297 4.14 -17.60 -29.78
N LYS B 298 3.36 -18.44 -29.12
CA LYS B 298 2.69 -19.54 -29.82
C LYS B 298 1.26 -19.22 -30.19
N VAL B 299 0.81 -19.81 -31.29
CA VAL B 299 -0.55 -19.56 -31.76
C VAL B 299 -1.37 -20.83 -31.79
N PHE B 300 -2.68 -20.68 -31.62
CA PHE B 300 -3.59 -21.82 -31.53
C PHE B 300 -4.90 -21.52 -32.25
N THR B 301 -5.60 -22.55 -32.66
CA THR B 301 -6.99 -22.39 -33.06
C THR B 301 -7.75 -22.25 -31.75
N ILE B 302 -8.73 -21.36 -31.72
CA ILE B 302 -9.56 -21.22 -30.54
C ILE B 302 -10.15 -22.59 -30.20
N SER B 303 -10.13 -23.49 -31.19
CA SER B 303 -10.61 -24.84 -30.99
C SER B 303 -9.61 -25.66 -30.18
N GLY B 304 -8.33 -25.40 -30.34
CA GLY B 304 -7.32 -25.99 -29.48
C GLY B 304 -6.05 -26.44 -30.17
N LYS B 305 -6.07 -26.45 -31.49
CA LYS B 305 -4.97 -27.06 -32.24
C LYS B 305 -3.92 -26.05 -32.66
N VAL B 306 -2.69 -26.28 -32.23
CA VAL B 306 -1.59 -25.35 -32.46
C VAL B 306 -1.49 -24.99 -33.93
N VAL B 307 -1.13 -23.75 -34.22
CA VAL B 307 -1.02 -23.30 -35.61
C VAL B 307 0.21 -22.45 -35.88
N GLY B 308 1.19 -22.53 -34.99
CA GLY B 308 2.52 -22.01 -35.30
C GLY B 308 3.19 -21.17 -34.24
N TYR B 309 4.51 -21.08 -34.35
CA TYR B 309 5.28 -20.07 -33.65
C TYR B 309 5.20 -18.81 -34.47
N VAL B 310 6.24 -17.99 -34.32
CA VAL B 310 6.36 -16.77 -35.08
C VAL B 310 7.67 -16.78 -35.83
N ALA B 311 8.67 -16.22 -35.16
CA ALA B 311 10.01 -16.12 -35.67
C ALA B 311 10.94 -16.11 -34.48
N GLY B 312 11.69 -15.03 -34.37
CA GLY B 312 12.72 -14.92 -33.35
C GLY B 312 12.27 -13.95 -32.29
N ILE B 313 11.02 -14.10 -31.87
CA ILE B 313 10.48 -13.28 -30.81
C ILE B 313 10.61 -13.98 -29.47
N GLU B 314 11.52 -13.46 -28.65
CA GLU B 314 11.72 -13.95 -27.28
C GLU B 314 10.66 -13.34 -26.37
N ALA B 315 9.40 -13.71 -26.63
CA ALA B 315 8.27 -13.17 -25.90
C ALA B 315 8.46 -13.26 -24.39
N ASN B 316 8.64 -12.10 -23.78
CA ASN B 316 8.72 -11.98 -22.34
C ASN B 316 8.18 -10.62 -21.95
N GLY B 317 6.87 -10.59 -21.66
CA GLY B 317 6.16 -9.35 -21.43
C GLY B 317 4.74 -9.50 -21.90
N GLY B 318 4.01 -8.40 -21.99
CA GLY B 318 2.61 -8.45 -22.38
C GLY B 318 2.44 -8.40 -23.88
N ILE B 319 1.18 -8.28 -24.32
CA ILE B 319 0.85 -8.25 -25.75
C ILE B 319 -0.53 -7.68 -26.06
N ALA B 320 -0.69 -7.08 -27.24
CA ALA B 320 -2.00 -6.72 -27.79
C ALA B 320 -2.14 -7.00 -29.29
N ILE B 321 -3.37 -7.10 -29.75
CA ILE B 321 -3.65 -7.29 -31.17
C ILE B 321 -4.70 -6.26 -31.61
N CYS B 322 -4.54 -5.75 -32.83
CA CYS B 322 -5.42 -4.70 -33.32
C CYS B 322 -6.88 -5.16 -33.37
N HIS B 323 -7.77 -4.29 -32.90
CA HIS B 323 -9.20 -4.55 -33.00
C HIS B 323 -9.95 -3.29 -33.39
N PRO B 324 -10.43 -3.25 -34.64
CA PRO B 324 -11.12 -2.15 -35.30
C PRO B 324 -12.34 -1.64 -34.52
N ASP B 325 -12.62 -0.35 -34.66
CA ASP B 325 -13.74 0.30 -33.98
C ASP B 325 -14.99 -0.58 -33.89
C TRS C . -13.73 19.17 12.90
C1 TRS C . -13.05 19.61 11.61
C2 TRS C . -12.70 18.76 13.94
C3 TRS C . -14.63 20.28 13.45
N TRS C . -14.57 18.01 12.57
O1 TRS C . -13.74 19.04 10.52
O2 TRS C . -12.57 19.77 14.93
O3 TRS C . -14.39 21.50 12.78
C TRS D . -11.69 4.22 39.71
C1 TRS D . -11.06 3.58 38.47
C2 TRS D . -12.89 5.08 39.31
C3 TRS D . -12.05 3.14 40.73
N TRS D . -10.69 5.09 40.35
O1 TRS D . -12.02 2.79 37.78
O2 TRS D . -12.93 6.28 40.05
O3 TRS D . -10.94 2.29 40.91
#